data_3S5S
#
_entry.id   3S5S
#
_cell.length_a   96.365
_cell.length_b   96.365
_cell.length_c   152.354
_cell.angle_alpha   90.000
_cell.angle_beta   90.000
_cell.angle_gamma   90.000
#
_symmetry.space_group_name_H-M   'P 43 21 2'
#
loop_
_entity.id
_entity.type
_entity.pdbx_description
1 polymer 'Mandelate racemase/muconate lactonizing enzyme family protein'
2 non-polymer 'SULFATE ION'
3 water water
#
_entity_poly.entity_id   1
_entity_poly.type   'polypeptide(L)'
_entity_poly.pdbx_seq_one_letter_code
;MTTPTLIRRVSIEALDIPLHEPFGIAGGAQERAANLLVTVELADGTLGFGEAAPLPAFNGETQDGSRAAAVSLREAVVGS
DARAWRAVARALREASGGGAGAARCAIETAILDALTKRAGMPLWAFFGGSGTALTTDITITTGSPERAEEAARRAAAMGF
RALKVKVGGRLAASDPARIEAIHAAAPGASLILDGNGGLTAGEALALVAHARRLGADVALLEQPVPRDDWDGMKEVTRRA
GVDVAADESAASAEDVLRVAAERAATVVNIKLMKGGIAEALDIAAVARAAGLGLMIGGMVESVLAMTASACFAAGLGGFS
FVDLDTPLFLAENPFDGGFVQRGPALSLEGIRAGHGVTPQRRSPAAGAENLYFQSHHHHHHWSHPQFEK
;
_entity_poly.pdbx_strand_id   A,B
#
loop_
_chem_comp.id
_chem_comp.type
_chem_comp.name
_chem_comp.formula
SO4 non-polymer 'SULFATE ION' 'O4 S -2'
#
# COMPACT_ATOMS: atom_id res chain seq x y z
N THR A 2 26.72 -14.82 9.01
CA THR A 2 25.27 -14.94 9.38
C THR A 2 24.42 -13.68 9.03
N THR A 3 23.38 -13.82 8.21
CA THR A 3 22.56 -12.66 7.79
C THR A 3 22.13 -11.70 8.95
N PRO A 4 22.51 -10.42 8.88
CA PRO A 4 22.30 -9.58 10.10
C PRO A 4 20.86 -9.40 10.54
N THR A 5 19.97 -9.56 9.59
CA THR A 5 18.56 -9.18 9.75
C THR A 5 17.64 -10.36 10.02
N LEU A 6 18.18 -11.58 10.16
CA LEU A 6 17.36 -12.71 10.61
C LEU A 6 16.93 -12.46 12.05
N ILE A 7 15.69 -12.85 12.36
CA ILE A 7 15.15 -12.74 13.73
C ILE A 7 15.60 -13.91 14.62
N ARG A 8 16.45 -13.56 15.58
CA ARG A 8 17.05 -14.51 16.48
C ARG A 8 16.13 -14.78 17.70
N ARG A 9 15.38 -13.77 18.14
CA ARG A 9 14.56 -13.89 19.34
C ARG A 9 13.32 -12.97 19.38
N VAL A 10 12.18 -13.50 19.78
CA VAL A 10 11.01 -12.70 20.11
C VAL A 10 10.67 -12.86 21.59
N SER A 11 10.59 -11.76 22.33
CA SER A 11 10.05 -11.80 23.66
C SER A 11 8.69 -11.15 23.71
N ILE A 12 7.91 -11.60 24.68
CA ILE A 12 6.60 -11.07 24.98
C ILE A 12 6.53 -10.86 26.50
N GLU A 13 6.19 -9.65 26.93
CA GLU A 13 5.96 -9.46 28.36
C GLU A 13 4.72 -8.60 28.62
N ALA A 14 4.18 -8.76 29.82
CA ALA A 14 3.09 -7.96 30.35
C ALA A 14 3.41 -6.46 30.22
N LEU A 15 2.47 -5.70 29.67
CA LEU A 15 2.56 -4.22 29.63
C LEU A 15 1.32 -3.63 30.33
N ASP A 16 1.34 -3.62 31.65
CA ASP A 16 0.21 -3.17 32.43
C ASP A 16 0.43 -1.73 32.89
N ILE A 17 -0.32 -0.81 32.29
CA ILE A 17 -0.27 0.60 32.68
C ILE A 17 -1.59 1.12 33.27
N PRO A 18 -1.54 1.73 34.46
CA PRO A 18 -2.73 2.29 35.05
C PRO A 18 -3.34 3.41 34.21
N LEU A 19 -4.68 3.44 34.18
CA LEU A 19 -5.46 4.56 33.65
C LEU A 19 -5.80 5.42 34.87
N HIS A 20 -5.84 6.75 34.71
CA HIS A 20 -6.17 7.65 35.84
C HIS A 20 -7.55 7.24 36.40
N GLU A 21 -8.52 7.44 35.51
CA GLU A 21 -9.89 6.98 35.64
C GLU A 21 -10.00 5.83 34.58
N PRO A 22 -10.88 4.83 34.80
CA PRO A 22 -11.29 3.90 33.74
C PRO A 22 -11.68 4.60 32.41
N PHE A 23 -11.40 3.95 31.28
CA PHE A 23 -11.72 4.45 29.93
C PHE A 23 -13.05 3.81 29.49
N GLY A 24 -14.17 4.50 29.73
CA GLY A 24 -15.51 3.94 29.45
C GLY A 24 -15.90 4.06 27.98
N ILE A 25 -16.30 2.95 27.37
CA ILE A 25 -16.91 2.94 26.02
C ILE A 25 -18.32 2.35 26.13
N ALA A 26 -19.03 2.23 25.00
CA ALA A 26 -20.36 1.59 24.96
C ALA A 26 -20.26 0.14 25.46
N GLY A 27 -20.78 -0.11 26.67
CA GLY A 27 -20.58 -1.40 27.35
C GLY A 27 -19.13 -1.87 27.34
N GLY A 28 -18.28 -1.16 28.08
CA GLY A 28 -16.91 -1.60 28.31
C GLY A 28 -16.04 -0.57 29.01
N ALA A 29 -15.49 -0.97 30.17
CA ALA A 29 -14.48 -0.18 30.89
C ALA A 29 -13.19 -0.95 31.08
N GLN A 30 -12.10 -0.32 30.65
CA GLN A 30 -10.72 -0.78 30.82
C GLN A 30 -10.13 0.05 32.03
N GLU A 31 -9.76 -0.57 33.16
CA GLU A 31 -9.21 0.16 34.37
C GLU A 31 -7.67 0.13 34.50
N ARG A 32 -7.06 -0.55 33.54
CA ARG A 32 -5.64 -0.80 33.48
C ARG A 32 -5.56 -0.96 31.98
N ALA A 33 -4.50 -0.48 31.35
CA ALA A 33 -4.22 -0.91 30.03
C ALA A 33 -3.46 -2.23 30.17
N ALA A 34 -4.15 -3.34 29.90
CA ALA A 34 -3.57 -4.69 29.95
C ALA A 34 -2.98 -5.07 28.56
N ASN A 35 -1.80 -4.53 28.30
CA ASN A 35 -1.16 -4.67 27.01
C ASN A 35 0.03 -5.66 27.09
N LEU A 36 0.76 -5.80 25.97
CA LEU A 36 1.95 -6.62 25.96
C LEU A 36 3.03 -5.83 25.27
N LEU A 37 4.26 -6.13 25.69
CA LEU A 37 5.43 -5.60 25.01
C LEU A 37 6.12 -6.78 24.34
N VAL A 38 6.30 -6.62 23.02
CA VAL A 38 6.98 -7.59 22.16
C VAL A 38 8.30 -6.96 21.74
N THR A 39 9.36 -7.71 21.94
CA THR A 39 10.71 -7.31 21.55
C THR A 39 11.18 -8.33 20.53
N VAL A 40 11.63 -7.83 19.39
CA VAL A 40 12.25 -8.65 18.37
C VAL A 40 13.73 -8.28 18.42
N GLU A 41 14.61 -9.29 18.49
CA GLU A 41 16.05 -9.06 18.42
C GLU A 41 16.61 -9.69 17.15
N LEU A 42 17.31 -8.89 16.34
CA LEU A 42 17.96 -9.39 15.11
C LEU A 42 19.32 -10.01 15.43
N ALA A 43 19.89 -10.68 14.44
CA ALA A 43 21.12 -11.37 14.57
C ALA A 43 22.26 -10.42 14.86
N ASP A 44 22.17 -9.19 14.32
CA ASP A 44 23.21 -8.19 14.53
C ASP A 44 23.05 -7.48 15.86
N GLY A 45 21.97 -7.78 16.61
CA GLY A 45 21.78 -7.22 17.96
C GLY A 45 20.72 -6.11 18.04
N THR A 46 20.20 -5.68 16.88
CA THR A 46 19.17 -4.64 16.83
C THR A 46 17.93 -5.10 17.60
N LEU A 47 17.41 -4.25 18.47
CA LEU A 47 16.13 -4.57 19.13
C LEU A 47 15.02 -3.79 18.48
N GLY A 48 13.90 -4.43 18.23
CA GLY A 48 12.74 -3.72 17.71
C GLY A 48 11.62 -3.97 18.72
N PHE A 49 10.76 -2.96 18.89
CA PHE A 49 9.74 -2.96 19.93
C PHE A 49 8.34 -2.81 19.38
N GLY A 50 7.41 -3.62 19.86
CA GLY A 50 6.03 -3.45 19.49
C GLY A 50 5.12 -3.62 20.69
N GLU A 51 3.87 -3.20 20.51
CA GLU A 51 2.86 -3.17 21.56
C GLU A 51 1.56 -3.86 21.09
N ALA A 52 1.09 -4.83 21.86
CA ALA A 52 -0.26 -5.38 21.68
C ALA A 52 -1.18 -4.69 22.68
N ALA A 53 -2.26 -4.12 22.19
CA ALA A 53 -3.20 -3.41 23.04
C ALA A 53 -4.59 -3.96 22.73
N PRO A 54 -4.82 -5.25 23.00
CA PRO A 54 -6.13 -5.77 22.68
C PRO A 54 -7.15 -5.13 23.58
N LEU A 55 -8.36 -4.98 23.08
CA LEU A 55 -9.39 -4.29 23.81
C LEU A 55 -10.61 -5.17 23.71
N PRO A 56 -10.86 -5.94 24.78
CA PRO A 56 -11.90 -6.94 24.79
C PRO A 56 -13.23 -6.28 24.44
N ALA A 57 -13.46 -5.11 25.02
CA ALA A 57 -14.73 -4.43 24.86
C ALA A 57 -14.92 -3.94 23.43
N PHE A 58 -13.83 -3.81 22.67
CA PHE A 58 -13.92 -3.41 21.25
C PHE A 58 -14.19 -4.56 20.26
N ASN A 59 -13.45 -5.66 20.35
CA ASN A 59 -13.57 -6.80 19.39
C ASN A 59 -13.24 -8.17 19.99
N GLY A 60 -13.14 -8.20 21.32
CA GLY A 60 -13.01 -9.48 22.02
C GLY A 60 -11.61 -10.04 22.30
N GLU A 61 -10.55 -9.45 21.73
CA GLU A 61 -9.17 -9.88 22.02
C GLU A 61 -8.76 -9.54 23.46
N THR A 62 -7.99 -10.42 24.10
CA THR A 62 -7.58 -10.20 25.49
C THR A 62 -6.07 -10.16 25.62
N GLN A 63 -5.57 -9.73 26.77
CA GLN A 63 -4.11 -9.75 27.04
C GLN A 63 -3.49 -11.16 26.85
N ASP A 64 -4.06 -12.12 27.56
CA ASP A 64 -3.70 -13.53 27.54
C ASP A 64 -3.99 -14.28 26.22
N GLY A 65 -5.11 -13.98 25.55
CA GLY A 65 -5.36 -14.49 24.19
C GLY A 65 -4.26 -14.03 23.23
N SER A 66 -3.89 -12.76 23.32
CA SER A 66 -2.86 -12.20 22.46
C SER A 66 -1.50 -12.80 22.79
N ARG A 67 -1.18 -12.88 24.09
CA ARG A 67 0.03 -13.55 24.51
C ARG A 67 0.12 -14.98 23.96
N ALA A 68 -0.96 -15.75 24.05
CA ALA A 68 -0.90 -17.14 23.57
C ALA A 68 -0.82 -17.16 22.06
N ALA A 69 -1.43 -16.18 21.40
CA ALA A 69 -1.38 -16.16 19.93
C ALA A 69 0.06 -15.91 19.38
N ALA A 70 0.75 -14.91 19.95
CA ALA A 70 2.16 -14.59 19.66
C ALA A 70 3.07 -15.77 19.82
N VAL A 71 2.91 -16.50 20.91
CA VAL A 71 3.63 -17.74 21.15
C VAL A 71 3.35 -18.82 20.07
N SER A 72 2.08 -19.04 19.71
CA SER A 72 1.73 -19.97 18.61
C SER A 72 2.33 -19.55 17.28
N LEU A 73 2.57 -18.25 17.14
CA LEU A 73 2.99 -17.68 15.87
C LEU A 73 4.53 -17.62 15.77
N ARG A 74 5.22 -17.98 16.84
CA ARG A 74 6.66 -17.75 16.94
C ARG A 74 7.45 -18.21 15.70
N GLU A 75 6.98 -19.30 15.06
CA GLU A 75 7.74 -19.97 14.02
C GLU A 75 7.59 -19.20 12.73
N ALA A 76 6.48 -18.51 12.60
CA ALA A 76 6.31 -17.65 11.46
C ALA A 76 7.27 -16.44 11.59
N VAL A 77 7.90 -16.26 12.76
CA VAL A 77 8.66 -15.02 13.05
C VAL A 77 10.15 -15.32 13.29
N VAL A 78 10.42 -16.11 14.31
CA VAL A 78 11.79 -16.46 14.65
C VAL A 78 12.45 -17.25 13.50
N GLY A 79 13.65 -16.81 13.10
CA GLY A 79 14.37 -17.40 11.98
C GLY A 79 14.04 -16.72 10.64
N SER A 80 12.99 -15.91 10.60
CA SER A 80 12.66 -15.11 9.44
C SER A 80 13.51 -13.84 9.34
N ASP A 81 13.64 -13.32 8.13
CA ASP A 81 14.40 -12.15 7.82
C ASP A 81 13.48 -10.97 8.05
N ALA A 82 13.99 -9.94 8.74
CA ALA A 82 13.23 -8.72 8.94
C ALA A 82 13.03 -7.92 7.65
N ARG A 83 13.92 -8.10 6.68
CA ARG A 83 13.76 -7.51 5.36
C ARG A 83 12.47 -8.02 4.69
N ALA A 84 12.01 -9.19 5.09
CA ALA A 84 10.80 -9.81 4.51
C ALA A 84 9.53 -9.53 5.34
N TRP A 85 9.41 -8.32 5.84
CA TRP A 85 8.30 -7.97 6.73
C TRP A 85 6.91 -8.27 6.14
N ARG A 86 6.72 -8.13 4.83
CA ARG A 86 5.41 -8.46 4.29
C ARG A 86 5.12 -9.94 4.21
N ALA A 87 6.16 -10.77 4.10
CA ALA A 87 6.00 -12.21 4.06
C ALA A 87 5.62 -12.67 5.45
N VAL A 88 6.27 -12.08 6.46
CA VAL A 88 5.98 -12.34 7.85
C VAL A 88 4.53 -12.00 8.20
N ALA A 89 4.05 -10.83 7.80
CA ALA A 89 2.65 -10.41 8.03
C ALA A 89 1.66 -11.26 7.29
N ARG A 90 2.02 -11.67 6.08
CA ARG A 90 1.17 -12.56 5.32
C ARG A 90 1.08 -13.91 6.05
N ALA A 91 2.22 -14.40 6.56
CA ALA A 91 2.25 -15.68 7.25
C ALA A 91 1.57 -15.61 8.63
N LEU A 92 1.68 -14.51 9.35
CA LEU A 92 0.89 -14.39 10.59
C LEU A 92 -0.60 -14.37 10.26
N ARG A 93 -0.99 -13.56 9.28
CA ARG A 93 -2.37 -13.47 8.91
C ARG A 93 -2.95 -14.85 8.47
N GLU A 94 -2.14 -15.65 7.80
CA GLU A 94 -2.68 -16.90 7.33
C GLU A 94 -2.81 -17.91 8.49
N ALA A 95 -1.78 -18.01 9.32
CA ALA A 95 -1.82 -18.89 10.50
C ALA A 95 -2.80 -18.45 11.60
N SER A 96 -3.36 -17.25 11.47
CA SER A 96 -4.37 -16.70 12.40
C SER A 96 -5.81 -16.73 11.89
N GLY A 97 -5.96 -16.92 10.59
CA GLY A 97 -7.25 -16.77 9.95
C GLY A 97 -7.77 -15.35 9.95
N GLY A 98 -6.87 -14.39 10.13
CA GLY A 98 -7.26 -12.99 10.19
C GLY A 98 -7.70 -12.55 11.59
N GLY A 99 -7.58 -13.45 12.55
CA GLY A 99 -7.79 -13.11 13.96
C GLY A 99 -6.51 -12.49 14.58
N ALA A 100 -6.48 -12.40 15.91
CA ALA A 100 -5.27 -12.00 16.65
C ALA A 100 -4.65 -10.74 16.08
N GLY A 101 -5.47 -9.71 15.87
CA GLY A 101 -4.98 -8.46 15.28
C GLY A 101 -3.92 -7.75 16.08
N ALA A 102 -4.14 -7.68 17.40
CA ALA A 102 -3.27 -6.90 18.30
C ALA A 102 -1.89 -7.51 18.45
N ALA A 103 -1.84 -8.84 18.52
CA ALA A 103 -0.59 -9.61 18.56
C ALA A 103 0.18 -9.43 17.26
N ARG A 104 -0.55 -9.45 16.13
CA ARG A 104 0.09 -9.31 14.83
C ARG A 104 0.63 -7.94 14.58
N CYS A 105 -0.02 -6.96 15.18
CA CYS A 105 0.41 -5.58 15.03
C CYS A 105 1.69 -5.40 15.86
N ALA A 106 1.70 -5.90 17.08
CA ALA A 106 2.87 -5.87 17.94
C ALA A 106 4.12 -6.40 17.24
N ILE A 107 3.97 -7.54 16.56
CA ILE A 107 5.04 -8.24 15.92
C ILE A 107 5.53 -7.46 14.70
N GLU A 108 4.62 -7.13 13.79
CA GLU A 108 5.00 -6.33 12.61
C GLU A 108 5.54 -4.97 13.02
N THR A 109 4.97 -4.38 14.06
CA THR A 109 5.56 -3.13 14.54
C THR A 109 7.01 -3.27 15.03
N ALA A 110 7.30 -4.30 15.81
CA ALA A 110 8.65 -4.59 16.32
C ALA A 110 9.64 -4.92 15.18
N ILE A 111 9.21 -5.70 14.21
CA ILE A 111 10.04 -5.96 13.03
C ILE A 111 10.37 -4.66 12.25
N LEU A 112 9.34 -3.90 11.86
CA LEU A 112 9.59 -2.64 11.13
C LEU A 112 10.45 -1.69 11.93
N ASP A 113 10.19 -1.65 13.23
CA ASP A 113 10.99 -0.80 14.12
C ASP A 113 12.48 -1.21 14.02
N ALA A 114 12.75 -2.51 14.08
CA ALA A 114 14.14 -2.98 14.03
C ALA A 114 14.71 -2.75 12.64
N LEU A 115 13.95 -3.14 11.63
CA LEU A 115 14.42 -2.91 10.26
C LEU A 115 14.85 -1.44 10.01
N THR A 116 14.04 -0.48 10.43
CA THR A 116 14.30 0.94 10.11
C THR A 116 15.35 1.53 11.02
N LYS A 117 15.31 1.19 12.30
CA LYS A 117 16.25 1.79 13.18
C LYS A 117 17.70 1.42 12.82
N ARG A 118 17.96 0.17 12.42
CA ARG A 118 19.34 -0.23 12.14
C ARG A 118 19.78 0.42 10.83
N ALA A 119 18.81 0.93 10.09
CA ALA A 119 19.03 1.55 8.80
C ALA A 119 19.15 3.08 8.97
N GLY A 120 18.87 3.57 10.17
CA GLY A 120 18.91 5.03 10.44
C GLY A 120 17.80 5.79 9.70
N MET A 121 16.66 5.12 9.49
CA MET A 121 15.51 5.68 8.75
C MET A 121 14.38 5.84 9.77
N PRO A 122 13.92 7.09 10.00
CA PRO A 122 12.69 7.21 10.82
C PRO A 122 11.49 6.51 10.16
N LEU A 123 10.58 5.97 10.98
CA LEU A 123 9.44 5.20 10.49
C LEU A 123 8.46 6.06 9.67
N TRP A 124 8.33 7.35 10.02
CA TRP A 124 7.49 8.28 9.28
C TRP A 124 8.01 8.48 7.84
N ALA A 125 9.34 8.39 7.68
CA ALA A 125 9.98 8.44 6.36
C ALA A 125 9.73 7.17 5.60
N PHE A 126 9.92 6.05 6.26
CA PHE A 126 9.58 4.75 5.68
C PHE A 126 8.11 4.77 5.10
N PHE A 127 7.16 5.29 5.88
CA PHE A 127 5.76 5.37 5.47
C PHE A 127 5.46 6.44 4.38
N GLY A 128 6.39 7.33 4.08
CA GLY A 128 6.16 8.28 3.00
C GLY A 128 6.67 9.69 3.28
N GLY A 129 6.80 10.03 4.58
CA GLY A 129 7.27 11.34 5.04
C GLY A 129 6.47 12.55 4.62
N SER A 130 5.14 12.45 4.51
CA SER A 130 4.35 13.59 4.03
C SER A 130 4.36 14.79 4.95
N GLY A 131 4.55 14.50 6.22
CA GLY A 131 4.73 15.51 7.24
C GLY A 131 5.22 14.84 8.50
N THR A 132 5.47 15.67 9.51
CA THR A 132 5.97 15.21 10.80
C THR A 132 5.14 15.77 11.97
N ALA A 133 4.03 16.44 11.68
CA ALA A 133 3.18 17.04 12.70
C ALA A 133 1.76 16.56 12.58
N LEU A 134 1.10 16.26 13.71
CA LEU A 134 -0.37 15.99 13.66
C LEU A 134 -1.06 16.73 14.75
N THR A 135 -2.37 16.95 14.58
CA THR A 135 -3.20 17.58 15.61
C THR A 135 -4.26 16.58 16.04
N THR A 136 -4.25 16.22 17.33
CA THR A 136 -5.18 15.19 17.85
C THR A 136 -6.46 15.74 18.45
N ASP A 137 -7.57 15.05 18.28
CA ASP A 137 -8.75 15.30 19.12
C ASP A 137 -8.48 14.72 20.52
N ILE A 138 -9.40 14.92 21.44
CA ILE A 138 -9.35 14.30 22.75
C ILE A 138 -10.74 13.89 23.11
N THR A 139 -10.82 12.88 23.95
CA THR A 139 -12.05 12.18 24.06
C THR A 139 -12.71 12.43 25.39
N ILE A 140 -14.01 12.66 25.35
CA ILE A 140 -14.81 12.84 26.53
C ILE A 140 -15.62 11.58 26.76
N THR A 141 -15.13 10.81 27.74
CA THR A 141 -15.56 9.44 27.95
C THR A 141 -16.74 9.38 28.91
N THR A 142 -17.50 8.28 28.87
CA THR A 142 -18.81 8.18 29.58
C THR A 142 -18.78 8.53 31.06
N GLY A 143 -19.89 9.11 31.51
CA GLY A 143 -20.03 9.60 32.86
C GLY A 143 -21.17 10.61 32.91
N SER A 144 -21.16 11.41 33.97
CA SER A 144 -22.22 12.35 34.22
C SER A 144 -22.12 13.52 33.22
N PRO A 145 -23.19 14.34 33.09
CA PRO A 145 -23.09 15.48 32.17
C PRO A 145 -22.29 16.61 32.79
N GLU A 146 -21.83 16.38 34.02
CA GLU A 146 -21.08 17.36 34.79
C GLU A 146 -19.58 17.19 34.56
N ARG A 147 -19.09 15.96 34.69
CA ARG A 147 -17.68 15.64 34.45
C ARG A 147 -17.32 15.82 32.95
N ALA A 148 -18.32 16.07 32.11
CA ALA A 148 -18.15 16.30 30.68
C ALA A 148 -18.07 17.79 30.38
N GLU A 149 -18.98 18.54 30.99
CA GLU A 149 -18.92 19.99 31.03
C GLU A 149 -17.51 20.41 31.46
N GLU A 150 -16.98 19.73 32.49
CA GLU A 150 -15.68 20.05 33.09
C GLU A 150 -14.59 19.74 32.08
N ALA A 151 -14.46 18.46 31.77
CA ALA A 151 -13.60 17.94 30.70
C ALA A 151 -13.58 18.72 29.37
N ALA A 152 -14.72 19.21 28.91
CA ALA A 152 -14.77 20.02 27.69
C ALA A 152 -14.09 21.39 27.83
N ARG A 153 -14.30 22.06 28.96
N ARG A 153 -14.33 22.02 28.98
CA ARG A 153 -13.64 23.35 29.18
CA ARG A 153 -13.72 23.29 29.37
C ARG A 153 -12.13 23.18 29.33
C ARG A 153 -12.19 23.16 29.35
N ARG A 154 -11.67 22.26 30.17
CA ARG A 154 -10.22 21.92 30.27
C ARG A 154 -9.54 21.61 28.93
N ALA A 155 -10.20 20.86 28.06
CA ALA A 155 -9.68 20.55 26.74
C ALA A 155 -9.62 21.80 25.82
N ALA A 156 -10.65 22.63 25.89
CA ALA A 156 -10.75 23.83 25.08
C ALA A 156 -9.64 24.82 25.46
N ALA A 157 -9.36 24.91 26.77
CA ALA A 157 -8.26 25.69 27.31
C ALA A 157 -6.85 25.18 26.91
N MET A 158 -6.68 23.86 26.77
CA MET A 158 -5.38 23.29 26.38
C MET A 158 -5.13 23.41 24.88
N GLY A 159 -6.20 23.69 24.12
CA GLY A 159 -6.11 23.96 22.68
C GLY A 159 -6.84 23.01 21.79
N PHE A 160 -7.70 22.17 22.38
CA PHE A 160 -8.31 21.10 21.61
C PHE A 160 -9.52 21.65 20.90
N ARG A 161 -9.44 21.70 19.57
CA ARG A 161 -10.52 22.17 18.71
C ARG A 161 -11.40 21.01 18.23
N ALA A 162 -11.00 19.78 18.54
CA ALA A 162 -11.83 18.63 18.16
C ALA A 162 -12.07 17.77 19.38
N LEU A 163 -13.34 17.47 19.65
CA LEU A 163 -13.69 16.60 20.76
C LEU A 163 -14.49 15.40 20.30
N LYS A 164 -14.05 14.22 20.73
CA LYS A 164 -14.73 12.97 20.49
C LYS A 164 -15.52 12.61 21.74
N VAL A 165 -16.83 12.52 21.59
CA VAL A 165 -17.66 12.27 22.75
C VAL A 165 -18.12 10.81 22.66
N LYS A 166 -17.79 9.99 23.65
CA LYS A 166 -18.32 8.62 23.65
C LYS A 166 -19.81 8.70 23.93
N VAL A 167 -20.56 7.79 23.36
CA VAL A 167 -22.03 7.78 23.51
C VAL A 167 -22.66 6.37 23.41
N GLY A 168 -23.89 6.26 23.91
CA GLY A 168 -24.58 4.96 24.03
C GLY A 168 -24.17 4.13 25.26
N GLY A 169 -24.64 2.89 25.27
CA GLY A 169 -24.42 1.93 26.36
C GLY A 169 -25.32 2.17 27.56
N ARG A 170 -24.83 1.72 28.71
CA ARG A 170 -25.45 1.81 30.03
C ARG A 170 -26.04 3.18 30.41
N LEU A 171 -25.57 4.24 29.77
CA LEU A 171 -25.84 5.60 30.23
C LEU A 171 -26.39 6.54 29.14
N ALA A 172 -27.10 5.98 28.16
CA ALA A 172 -27.52 6.74 26.96
C ALA A 172 -28.60 7.82 27.19
N ALA A 173 -29.20 7.82 28.37
CA ALA A 173 -30.05 8.94 28.77
C ALA A 173 -29.20 10.20 29.01
N SER A 174 -27.95 9.99 29.39
CA SER A 174 -26.97 11.07 29.60
C SER A 174 -26.75 11.86 28.30
N ASP A 175 -26.40 11.15 27.24
CA ASP A 175 -25.97 11.72 25.95
C ASP A 175 -26.62 13.04 25.58
N PRO A 176 -27.96 13.11 25.58
CA PRO A 176 -28.49 14.37 25.03
C PRO A 176 -28.08 15.61 25.84
N ALA A 177 -28.02 15.47 27.16
CA ALA A 177 -27.56 16.57 28.03
C ALA A 177 -26.04 16.68 28.00
N ARG A 178 -25.36 15.52 28.06
CA ARG A 178 -23.91 15.43 27.85
C ARG A 178 -23.46 16.38 26.74
N ILE A 179 -24.17 16.37 25.60
CA ILE A 179 -23.75 17.13 24.44
C ILE A 179 -24.02 18.63 24.60
N GLU A 180 -24.99 18.95 25.44
CA GLU A 180 -25.34 20.34 25.74
C GLU A 180 -24.24 21.02 26.56
N ALA A 181 -23.84 20.34 27.63
CA ALA A 181 -22.86 20.80 28.60
C ALA A 181 -21.50 20.99 27.95
N ILE A 182 -21.24 20.15 26.93
CA ILE A 182 -20.03 20.21 26.12
C ILE A 182 -20.03 21.38 25.16
N HIS A 183 -21.14 21.63 24.46
CA HIS A 183 -21.12 22.68 23.46
C HIS A 183 -20.96 24.06 24.11
N ALA A 184 -21.62 24.23 25.26
CA ALA A 184 -21.57 25.46 26.01
C ALA A 184 -20.17 25.77 26.57
N ALA A 185 -19.40 24.73 26.92
CA ALA A 185 -18.09 24.92 27.54
C ALA A 185 -16.93 25.07 26.53
N ALA A 186 -17.06 24.38 25.39
CA ALA A 186 -16.10 24.50 24.29
C ALA A 186 -16.81 24.96 23.00
N PRO A 187 -17.20 26.26 22.93
CA PRO A 187 -18.04 26.72 21.79
C PRO A 187 -17.28 26.70 20.46
N GLY A 188 -15.95 26.77 20.53
CA GLY A 188 -15.13 26.62 19.34
C GLY A 188 -14.83 25.19 18.89
N ALA A 189 -15.46 24.20 19.52
CA ALA A 189 -15.00 22.82 19.26
C ALA A 189 -15.91 22.00 18.33
N SER A 190 -15.26 21.41 17.36
CA SER A 190 -15.84 20.42 16.47
C SER A 190 -16.17 19.16 17.30
N LEU A 191 -17.24 18.46 16.96
CA LEU A 191 -17.57 17.22 17.68
C LEU A 191 -17.53 15.93 16.87
N ILE A 192 -16.95 14.88 17.42
CA ILE A 192 -17.15 13.52 16.94
C ILE A 192 -18.03 12.74 17.98
N LEU A 193 -19.20 12.31 17.57
CA LEU A 193 -20.00 11.41 18.39
C LEU A 193 -19.63 9.97 18.01
N ASP A 194 -18.96 9.29 18.92
CA ASP A 194 -18.56 7.89 18.77
C ASP A 194 -19.56 7.01 19.52
N GLY A 195 -20.19 6.07 18.79
CA GLY A 195 -21.22 5.20 19.36
C GLY A 195 -20.66 3.85 19.74
N ASN A 196 -19.50 3.51 19.19
CA ASN A 196 -18.93 2.16 19.32
C ASN A 196 -20.00 1.11 19.17
N GLY A 197 -20.90 1.32 18.23
CA GLY A 197 -21.87 0.30 17.85
C GLY A 197 -22.95 0.02 18.86
N GLY A 198 -22.97 0.82 19.92
CA GLY A 198 -23.95 0.63 21.00
C GLY A 198 -25.19 1.47 20.85
N LEU A 199 -25.56 1.81 19.61
CA LEU A 199 -26.81 2.50 19.37
C LEU A 199 -27.66 1.72 18.38
N THR A 200 -28.84 2.29 18.11
CA THR A 200 -29.69 1.95 16.99
C THR A 200 -29.47 3.12 16.04
N ALA A 201 -29.99 3.00 14.82
CA ALA A 201 -29.94 4.12 13.88
C ALA A 201 -30.81 5.25 14.41
N GLY A 202 -32.03 4.90 14.84
CA GLY A 202 -33.03 5.86 15.30
C GLY A 202 -32.42 6.87 16.24
N GLU A 203 -31.87 6.37 17.34
CA GLU A 203 -31.16 7.19 18.29
C GLU A 203 -30.09 8.05 17.61
N ALA A 204 -29.20 7.40 16.84
CA ALA A 204 -28.05 8.07 16.25
C ALA A 204 -28.47 9.35 15.53
N LEU A 205 -29.38 9.20 14.57
CA LEU A 205 -29.90 10.33 13.81
C LEU A 205 -30.53 11.42 14.70
N ALA A 206 -31.24 11.01 15.77
CA ALA A 206 -31.92 12.00 16.60
C ALA A 206 -30.89 12.75 17.41
N LEU A 207 -29.93 12.00 17.93
CA LEU A 207 -28.85 12.54 18.73
C LEU A 207 -27.99 13.52 17.92
N VAL A 208 -27.88 13.28 16.60
CA VAL A 208 -27.26 14.26 15.70
C VAL A 208 -28.13 15.51 15.70
N ALA A 209 -29.38 15.34 15.27
CA ALA A 209 -30.33 16.44 15.06
C ALA A 209 -30.42 17.37 16.25
N HIS A 210 -30.36 16.79 17.46
CA HIS A 210 -30.34 17.56 18.70
C HIS A 210 -29.14 18.50 18.65
N ALA A 211 -27.96 17.90 18.49
CA ALA A 211 -26.69 18.63 18.48
C ALA A 211 -26.62 19.70 17.40
N ARG A 212 -27.25 19.46 16.26
CA ARG A 212 -27.20 20.38 15.12
C ARG A 212 -27.91 21.68 15.43
N ARG A 213 -29.03 21.59 16.13
CA ARG A 213 -29.87 22.76 16.38
C ARG A 213 -29.50 23.52 17.66
N LEU A 214 -28.62 22.92 18.47
CA LEU A 214 -27.88 23.65 19.51
C LEU A 214 -26.72 24.47 18.94
N GLY A 215 -26.49 24.38 17.63
CA GLY A 215 -25.39 25.13 17.00
C GLY A 215 -24.05 24.41 16.97
N ALA A 216 -24.03 23.19 17.50
CA ALA A 216 -22.77 22.42 17.53
C ALA A 216 -22.36 21.99 16.12
N ASP A 217 -21.07 22.12 15.87
CA ASP A 217 -20.51 21.63 14.63
C ASP A 217 -20.13 20.14 14.88
N VAL A 218 -21.09 19.26 14.62
CA VAL A 218 -20.82 17.82 14.59
C VAL A 218 -20.08 17.53 13.30
N ALA A 219 -18.81 17.17 13.44
CA ALA A 219 -17.96 16.97 12.28
C ALA A 219 -17.99 15.51 11.80
N LEU A 220 -18.42 14.59 12.66
CA LEU A 220 -18.40 13.18 12.32
C LEU A 220 -19.30 12.39 13.24
N LEU A 221 -20.08 11.45 12.68
CA LEU A 221 -20.74 10.44 13.48
C LEU A 221 -20.05 9.09 13.30
N GLU A 222 -19.33 8.64 14.32
CA GLU A 222 -18.56 7.44 14.23
C GLU A 222 -19.27 6.12 14.64
N GLN A 223 -19.29 5.16 13.71
CA GLN A 223 -19.87 3.83 13.95
C GLN A 223 -21.04 3.79 14.93
N PRO A 224 -22.14 4.48 14.62
CA PRO A 224 -23.19 4.52 15.63
C PRO A 224 -23.88 3.19 15.88
N VAL A 225 -23.99 2.37 14.84
CA VAL A 225 -24.66 1.08 14.94
C VAL A 225 -23.65 -0.07 14.90
N PRO A 226 -24.11 -1.29 15.24
CA PRO A 226 -23.18 -2.43 15.29
C PRO A 226 -22.65 -2.81 13.91
N ARG A 227 -21.48 -3.47 13.92
CA ARG A 227 -20.82 -3.97 12.73
C ARG A 227 -21.71 -4.71 11.74
N ASP A 228 -22.68 -5.51 12.18
N ASP A 228 -22.69 -5.47 12.25
CA ASP A 228 -23.43 -6.23 11.16
CA ASP A 228 -23.54 -6.33 11.43
C ASP A 228 -24.88 -5.72 11.00
C ASP A 228 -24.81 -5.66 10.90
N ASP A 229 -25.07 -4.44 11.35
CA ASP A 229 -26.24 -3.67 10.92
C ASP A 229 -25.78 -2.76 9.75
N TRP A 230 -25.59 -3.37 8.59
CA TRP A 230 -25.15 -2.65 7.39
C TRP A 230 -26.21 -1.68 6.91
N ASP A 231 -27.49 -2.04 7.09
CA ASP A 231 -28.63 -1.20 6.67
C ASP A 231 -28.67 0.09 7.49
N GLY A 232 -28.35 -0.03 8.78
CA GLY A 232 -28.35 1.08 9.70
C GLY A 232 -27.22 2.05 9.38
N MET A 233 -26.03 1.53 9.09
CA MET A 233 -24.91 2.35 8.64
C MET A 233 -25.27 3.09 7.32
N LYS A 234 -25.85 2.38 6.37
CA LYS A 234 -26.33 2.94 5.12
C LYS A 234 -27.33 4.06 5.43
N GLU A 235 -28.23 3.82 6.37
CA GLU A 235 -29.31 4.78 6.59
C GLU A 235 -28.72 6.04 7.20
N VAL A 236 -27.90 5.87 8.23
CA VAL A 236 -27.31 7.02 8.87
C VAL A 236 -26.40 7.80 7.93
N THR A 237 -25.65 7.11 7.06
CA THR A 237 -24.85 7.82 6.07
C THR A 237 -25.70 8.70 5.13
N ARG A 238 -26.91 8.24 4.81
CA ARG A 238 -27.81 8.92 3.90
C ARG A 238 -28.53 10.14 4.54
N ARG A 239 -28.98 9.99 5.78
CA ARG A 239 -29.92 10.94 6.39
C ARG A 239 -29.26 11.83 7.45
N ALA A 240 -28.09 11.42 7.94
CA ALA A 240 -27.43 12.20 8.99
C ALA A 240 -27.13 13.67 8.61
N GLY A 241 -26.63 13.91 7.39
CA GLY A 241 -26.27 15.27 6.98
C GLY A 241 -24.84 15.65 7.36
N VAL A 242 -24.13 14.72 8.02
CA VAL A 242 -22.73 14.82 8.40
C VAL A 242 -21.96 13.54 7.98
N ASP A 243 -20.63 13.61 8.02
CA ASP A 243 -19.75 12.47 7.72
C ASP A 243 -19.98 11.32 8.72
N VAL A 244 -19.97 10.09 8.21
CA VAL A 244 -20.07 8.93 9.08
C VAL A 244 -18.80 8.08 8.97
N ALA A 245 -18.24 7.63 10.08
CA ALA A 245 -17.00 6.81 10.03
C ALA A 245 -17.31 5.37 10.27
N ALA A 246 -16.69 4.47 9.51
CA ALA A 246 -16.71 3.03 9.82
C ALA A 246 -15.48 2.69 10.64
N ASP A 247 -15.65 1.99 11.76
CA ASP A 247 -14.53 1.53 12.59
C ASP A 247 -14.64 0.00 12.73
N GLU A 248 -15.53 -0.45 13.62
CA GLU A 248 -15.80 -1.88 13.80
C GLU A 248 -16.18 -2.47 12.45
N SER A 249 -16.81 -1.69 11.58
CA SER A 249 -17.22 -2.21 10.25
C SER A 249 -16.06 -2.16 9.20
N ALA A 250 -14.88 -1.69 9.57
CA ALA A 250 -13.79 -1.59 8.59
C ALA A 250 -12.56 -2.20 9.22
N ALA A 251 -12.49 -3.52 9.14
CA ALA A 251 -11.38 -4.25 9.74
C ALA A 251 -10.45 -4.82 8.67
N SER A 252 -10.94 -4.91 7.42
CA SER A 252 -10.08 -5.26 6.29
C SER A 252 -10.29 -4.35 5.09
N ALA A 253 -9.32 -4.34 4.19
CA ALA A 253 -9.39 -3.55 2.96
C ALA A 253 -10.60 -3.94 2.19
N GLU A 254 -10.89 -5.22 2.24
CA GLU A 254 -12.15 -5.76 1.76
C GLU A 254 -13.37 -5.13 2.38
N ASP A 255 -13.42 -4.96 3.70
CA ASP A 255 -14.58 -4.30 4.32
C ASP A 255 -14.69 -2.89 3.75
N VAL A 256 -13.54 -2.22 3.59
CA VAL A 256 -13.49 -0.83 3.09
C VAL A 256 -14.06 -0.71 1.68
N LEU A 257 -13.61 -1.53 0.74
CA LEU A 257 -14.32 -1.63 -0.53
C LEU A 257 -15.83 -1.76 -0.39
N ARG A 258 -16.27 -2.54 0.59
CA ARG A 258 -17.72 -2.79 0.71
C ARG A 258 -18.38 -1.55 1.30
N VAL A 259 -17.78 -1.01 2.35
CA VAL A 259 -18.22 0.24 2.97
C VAL A 259 -18.37 1.35 1.92
N ALA A 260 -17.42 1.44 0.99
CA ALA A 260 -17.51 2.43 -0.09
C ALA A 260 -18.72 2.13 -0.95
N ALA A 261 -18.71 0.97 -1.60
CA ALA A 261 -19.77 0.58 -2.59
C ALA A 261 -21.21 0.63 -2.06
N GLU A 262 -21.37 0.33 -0.78
CA GLU A 262 -22.69 0.31 -0.15
C GLU A 262 -23.10 1.67 0.48
N ARG A 263 -22.19 2.64 0.42
CA ARG A 263 -22.32 3.95 1.05
C ARG A 263 -22.69 3.87 2.50
N ALA A 264 -21.94 3.06 3.26
CA ALA A 264 -22.18 2.78 4.69
C ALA A 264 -21.47 3.75 5.65
N ALA A 265 -20.56 4.56 5.10
CA ALA A 265 -19.78 5.56 5.83
C ALA A 265 -19.18 6.45 4.76
N THR A 266 -18.59 7.59 5.14
CA THR A 266 -17.92 8.46 4.18
C THR A 266 -16.48 8.60 4.66
N VAL A 267 -16.23 7.96 5.81
CA VAL A 267 -14.93 8.04 6.50
C VAL A 267 -14.54 6.66 7.01
N VAL A 268 -13.24 6.35 7.03
CA VAL A 268 -12.75 5.13 7.67
C VAL A 268 -11.77 5.43 8.82
N ASN A 269 -12.03 4.80 9.96
CA ASN A 269 -11.12 4.81 11.10
C ASN A 269 -10.14 3.64 10.99
N ILE A 270 -8.90 3.94 10.64
CA ILE A 270 -7.85 2.94 10.47
C ILE A 270 -7.12 2.82 11.78
N LYS A 271 -6.92 1.59 12.23
CA LYS A 271 -6.08 1.32 13.41
C LYS A 271 -5.06 0.27 13.06
N LEU A 272 -3.79 0.50 13.42
CA LEU A 272 -2.76 -0.51 13.21
C LEU A 272 -3.10 -1.82 13.92
N MET A 273 -3.84 -1.70 15.03
CA MET A 273 -4.06 -2.77 15.98
C MET A 273 -5.17 -3.73 15.63
N LYS A 274 -6.06 -3.33 14.68
CA LYS A 274 -7.16 -4.20 14.28
C LYS A 274 -6.60 -5.34 13.45
N GLY A 275 -5.62 -5.05 12.59
CA GLY A 275 -5.10 -6.05 11.62
C GLY A 275 -3.63 -5.92 11.21
N GLY A 276 -2.88 -5.08 11.93
CA GLY A 276 -1.47 -4.96 11.69
C GLY A 276 -1.16 -3.94 10.65
N ILE A 277 0.12 -3.74 10.36
CA ILE A 277 0.51 -2.60 9.56
C ILE A 277 0.23 -2.85 8.05
N ALA A 278 0.48 -4.08 7.62
CA ALA A 278 0.29 -4.39 6.21
C ALA A 278 -1.19 -4.19 5.82
N GLU A 279 -2.09 -4.73 6.65
N GLU A 279 -2.13 -4.70 6.62
CA GLU A 279 -3.54 -4.58 6.45
CA GLU A 279 -3.53 -4.49 6.29
C GLU A 279 -3.86 -3.08 6.36
C GLU A 279 -3.78 -2.99 6.26
N ALA A 280 -3.38 -2.31 7.32
CA ALA A 280 -3.55 -0.85 7.40
C ALA A 280 -3.04 -0.03 6.17
N LEU A 281 -1.86 -0.36 5.68
CA LEU A 281 -1.37 0.22 4.39
C LEU A 281 -2.36 0.03 3.22
N ASP A 282 -2.93 -1.16 3.13
CA ASP A 282 -3.85 -1.50 2.02
C ASP A 282 -5.16 -0.73 2.21
N ILE A 283 -5.67 -0.68 3.43
CA ILE A 283 -6.91 0.04 3.74
C ILE A 283 -6.80 1.54 3.43
N ALA A 284 -5.74 2.19 3.86
CA ALA A 284 -5.51 3.59 3.47
C ALA A 284 -5.59 3.79 1.94
N ALA A 285 -4.96 2.91 1.16
CA ALA A 285 -4.95 3.10 -0.30
C ALA A 285 -6.31 2.86 -0.89
N VAL A 286 -7.01 1.83 -0.40
CA VAL A 286 -8.36 1.54 -0.90
C VAL A 286 -9.25 2.70 -0.49
N ALA A 287 -9.02 3.25 0.70
CA ALA A 287 -9.89 4.30 1.18
C ALA A 287 -9.73 5.61 0.38
N ARG A 288 -8.51 6.05 0.08
N ARG A 288 -8.50 6.03 0.13
CA ARG A 288 -8.37 7.22 -0.78
CA ARG A 288 -8.22 7.16 -0.75
C ARG A 288 -8.84 6.91 -2.19
C ARG A 288 -8.86 6.88 -2.12
N ALA A 289 -8.56 5.71 -2.68
CA ALA A 289 -9.09 5.32 -4.00
C ALA A 289 -10.61 5.43 -3.99
N ALA A 290 -11.26 4.88 -2.99
CA ALA A 290 -12.72 4.88 -3.00
C ALA A 290 -13.35 6.22 -2.61
N GLY A 291 -12.53 7.25 -2.37
CA GLY A 291 -13.10 8.57 -2.05
C GLY A 291 -13.51 8.76 -0.57
N LEU A 292 -13.14 7.81 0.28
CA LEU A 292 -13.43 7.91 1.68
C LEU A 292 -12.40 8.79 2.40
N GLY A 293 -12.84 9.60 3.35
CA GLY A 293 -11.91 10.30 4.23
C GLY A 293 -11.18 9.30 5.12
N LEU A 294 -9.99 9.67 5.57
CA LEU A 294 -9.21 8.84 6.44
C LEU A 294 -9.14 9.39 7.87
N MET A 295 -9.34 8.47 8.82
CA MET A 295 -9.17 8.77 10.24
C MET A 295 -8.12 7.81 10.77
N ILE A 296 -7.21 8.29 11.60
CA ILE A 296 -6.21 7.40 12.24
C ILE A 296 -6.63 7.33 13.72
N GLY A 297 -6.85 6.13 14.24
CA GLY A 297 -7.41 5.95 15.56
C GLY A 297 -6.58 4.95 16.31
N GLY A 298 -7.11 4.39 17.39
CA GLY A 298 -6.39 3.36 18.10
C GLY A 298 -7.21 2.68 19.16
N MET A 299 -6.61 1.65 19.76
N MET A 299 -6.62 1.69 19.81
CA MET A 299 -7.18 0.97 20.93
CA MET A 299 -7.27 1.08 20.98
C MET A 299 -6.78 1.78 22.19
C MET A 299 -6.81 1.83 22.22
N VAL A 300 -6.52 1.16 23.33
CA VAL A 300 -6.03 1.92 24.53
C VAL A 300 -4.53 1.69 24.64
N GLU A 301 -3.76 2.58 24.02
CA GLU A 301 -2.36 2.34 23.67
C GLU A 301 -1.40 3.28 24.41
N SER A 302 -0.21 2.80 24.75
CA SER A 302 0.84 3.69 25.27
C SER A 302 1.41 4.54 24.12
N VAL A 303 2.45 5.28 24.47
CA VAL A 303 3.31 6.06 23.59
C VAL A 303 3.87 5.23 22.42
N LEU A 304 4.15 3.98 22.68
CA LEU A 304 4.70 3.10 21.67
C LEU A 304 3.78 2.88 20.45
N ALA A 305 2.65 2.23 20.64
CA ALA A 305 1.76 1.98 19.52
C ALA A 305 1.21 3.31 18.95
N MET A 306 0.98 4.31 19.84
CA MET A 306 0.53 5.61 19.38
C MET A 306 1.55 6.30 18.43
N THR A 307 2.83 6.33 18.82
CA THR A 307 3.82 6.90 17.93
C THR A 307 3.89 6.11 16.62
N ALA A 308 3.82 4.80 16.69
CA ALA A 308 3.75 4.03 15.44
C ALA A 308 2.62 4.53 14.53
N SER A 309 1.42 4.71 15.09
CA SER A 309 0.29 5.29 14.37
C SER A 309 0.51 6.68 13.84
N ALA A 310 1.19 7.55 14.61
CA ALA A 310 1.38 8.91 14.14
C ALA A 310 2.35 8.89 12.96
N CYS A 311 3.39 8.05 13.04
CA CYS A 311 4.37 7.89 11.95
C CYS A 311 3.63 7.44 10.69
N PHE A 312 2.68 6.51 10.88
CA PHE A 312 1.89 5.97 9.80
C PHE A 312 1.05 7.10 9.15
N ALA A 313 0.12 7.68 9.92
CA ALA A 313 -0.75 8.76 9.43
C ALA A 313 0.06 9.96 8.86
N ALA A 314 1.04 10.52 9.61
CA ALA A 314 1.80 11.67 9.05
C ALA A 314 2.70 11.31 7.85
N GLY A 315 3.23 10.09 7.81
CA GLY A 315 4.03 9.62 6.67
C GLY A 315 3.20 9.51 5.43
N LEU A 316 2.01 8.93 5.58
CA LEU A 316 1.12 8.75 4.46
C LEU A 316 0.54 10.05 3.92
N GLY A 317 0.17 10.97 4.82
CA GLY A 317 -0.42 12.21 4.39
C GLY A 317 -1.90 11.94 4.14
N GLY A 318 -2.72 12.98 4.09
CA GLY A 318 -4.08 12.76 3.69
C GLY A 318 -5.13 12.42 4.75
N PHE A 319 -4.78 12.55 6.02
CA PHE A 319 -5.71 12.19 7.07
C PHE A 319 -6.56 13.37 7.48
N SER A 320 -7.87 13.18 7.57
CA SER A 320 -8.80 14.26 8.03
C SER A 320 -9.02 14.28 9.54
N PHE A 321 -8.87 13.12 10.19
CA PHE A 321 -9.14 13.03 11.59
C PHE A 321 -7.98 12.32 12.21
N VAL A 322 -7.50 12.88 13.32
CA VAL A 322 -6.52 12.23 14.11
C VAL A 322 -7.08 12.03 15.54
N ASP A 323 -7.12 10.79 16.00
CA ASP A 323 -7.68 10.47 17.29
C ASP A 323 -6.67 9.61 18.05
N LEU A 324 -5.58 10.24 18.51
CA LEU A 324 -4.40 9.56 19.09
C LEU A 324 -4.10 10.06 20.50
N ASP A 325 -5.04 9.88 21.41
CA ASP A 325 -5.04 10.66 22.63
C ASP A 325 -4.97 9.82 23.94
N THR A 326 -4.77 8.50 23.79
CA THR A 326 -4.75 7.55 24.90
C THR A 326 -3.56 7.76 25.89
N PRO A 327 -2.37 8.19 25.41
CA PRO A 327 -1.31 8.46 26.39
C PRO A 327 -1.70 9.53 27.40
N LEU A 328 -2.63 10.41 27.01
CA LEU A 328 -3.17 11.36 27.98
C LEU A 328 -3.94 10.72 29.11
N PHE A 329 -4.35 9.46 28.94
CA PHE A 329 -5.23 8.77 29.91
C PHE A 329 -4.51 7.79 30.85
N LEU A 330 -3.22 7.64 30.60
CA LEU A 330 -2.36 6.71 31.32
C LEU A 330 -1.60 7.43 32.43
N ALA A 331 -1.65 6.81 33.62
CA ALA A 331 -1.07 7.35 34.82
C ALA A 331 0.43 7.21 34.83
N GLU A 332 0.99 6.48 33.89
CA GLU A 332 2.44 6.35 33.77
C GLU A 332 2.81 6.26 32.32
N ASN A 333 4.09 6.45 32.07
CA ASN A 333 4.68 6.31 30.76
C ASN A 333 5.94 5.51 30.97
N PRO A 334 5.88 4.19 30.72
CA PRO A 334 7.08 3.38 30.95
C PRO A 334 8.10 3.41 29.78
N PHE A 335 7.98 4.40 28.89
CA PHE A 335 8.83 4.50 27.68
C PHE A 335 9.57 5.84 27.55
N ASP A 336 10.73 5.83 26.91
CA ASP A 336 11.46 7.04 26.50
C ASP A 336 11.20 7.18 25.04
N GLY A 337 11.29 8.42 24.52
CA GLY A 337 11.20 8.69 23.08
C GLY A 337 9.80 8.65 22.50
N GLY A 338 9.69 8.77 21.18
CA GLY A 338 8.39 8.89 20.56
C GLY A 338 8.06 10.33 20.22
N PHE A 339 6.80 10.57 19.89
CA PHE A 339 6.37 11.89 19.55
C PHE A 339 6.46 12.78 20.77
N VAL A 340 6.55 14.09 20.52
CA VAL A 340 6.54 15.08 21.56
C VAL A 340 5.14 15.66 21.50
N GLN A 341 4.48 15.81 22.65
CA GLN A 341 3.09 16.22 22.66
C GLN A 341 2.97 17.61 23.26
N ARG A 342 2.20 18.48 22.61
CA ARG A 342 1.95 19.82 23.16
C ARG A 342 0.46 20.06 23.05
N GLY A 343 -0.27 19.56 24.04
CA GLY A 343 -1.75 19.60 24.01
C GLY A 343 -2.18 18.68 22.88
N PRO A 344 -2.91 19.21 21.88
CA PRO A 344 -3.35 18.49 20.67
C PRO A 344 -2.24 18.23 19.64
N ALA A 345 -1.12 18.91 19.77
CA ALA A 345 -0.08 18.90 18.76
C ALA A 345 0.89 17.70 19.04
N LEU A 346 1.13 16.92 18.00
CA LEU A 346 2.04 15.79 18.05
C LEU A 346 3.11 16.10 17.05
N SER A 347 4.35 16.03 17.49
CA SER A 347 5.45 16.32 16.58
C SER A 347 6.36 15.11 16.47
N LEU A 348 6.86 14.80 15.28
CA LEU A 348 7.67 13.61 15.08
C LEU A 348 9.13 13.89 14.70
N GLU A 349 9.47 15.17 14.60
CA GLU A 349 10.80 15.62 14.17
C GLU A 349 11.99 15.04 14.95
N GLY A 350 11.76 14.74 16.24
CA GLY A 350 12.85 14.20 17.05
C GLY A 350 13.04 12.68 16.89
N ILE A 351 12.27 12.05 16.01
CA ILE A 351 12.38 10.62 15.77
C ILE A 351 13.30 10.47 14.59
N ARG A 352 14.41 9.80 14.85
CA ARG A 352 15.51 9.75 13.92
C ARG A 352 15.66 8.33 13.30
N ALA A 353 15.10 7.31 13.96
CA ALA A 353 15.35 5.93 13.61
C ALA A 353 14.24 5.02 14.21
N GLY A 354 13.65 4.17 13.38
CA GLY A 354 12.47 3.40 13.77
C GLY A 354 11.33 4.36 14.22
N HIS A 355 10.57 3.94 15.23
CA HIS A 355 9.61 4.83 15.86
C HIS A 355 10.17 5.64 17.03
N GLY A 356 11.47 5.46 17.36
CA GLY A 356 12.14 6.23 18.44
C GLY A 356 11.77 5.88 19.88
N VAL A 357 10.94 4.86 20.05
CA VAL A 357 10.49 4.50 21.42
C VAL A 357 11.31 3.30 21.99
N THR A 358 11.80 3.46 23.21
CA THR A 358 12.49 2.41 23.92
C THR A 358 11.91 2.25 25.33
N PRO A 359 11.94 1.01 25.84
CA PRO A 359 11.56 0.93 27.24
C PRO A 359 12.64 1.49 28.17
N GLN A 360 12.23 1.99 29.33
CA GLN A 360 13.15 2.49 30.36
C GLN A 360 13.75 1.38 31.22
N GLY A 367 6.88 -12.34 34.21
CA GLY A 367 8.08 -12.65 33.42
C GLY A 367 7.83 -12.65 31.91
N ALA A 368 8.83 -12.17 31.16
CA ALA A 368 8.88 -12.28 29.69
C ALA A 368 8.89 -13.71 29.18
N GLU A 369 8.04 -13.95 28.19
CA GLU A 369 8.12 -15.13 27.38
C GLU A 369 9.28 -14.91 26.38
N ASN A 370 10.30 -15.78 26.40
CA ASN A 370 11.49 -15.66 25.52
C ASN A 370 11.65 -16.84 24.56
N LEU A 371 11.75 -16.49 23.28
CA LEU A 371 11.59 -17.43 22.17
C LEU A 371 12.73 -17.28 21.14
N TYR A 372 13.57 -18.33 21.00
CA TYR A 372 14.78 -18.36 20.12
C TYR A 372 14.64 -19.34 18.93
N PHE A 373 15.68 -19.42 18.07
CA PHE A 373 15.84 -20.39 16.94
C PHE A 373 15.90 -19.70 15.53
N THR B 3 20.42 19.16 6.55
CA THR B 3 19.76 17.81 6.38
C THR B 3 20.33 17.04 5.17
N PRO B 4 21.03 15.93 5.41
CA PRO B 4 21.78 15.17 4.38
C PRO B 4 20.90 14.54 3.29
N THR B 5 19.60 14.43 3.57
CA THR B 5 18.67 13.90 2.59
C THR B 5 18.05 14.93 1.67
N LEU B 6 18.34 16.21 1.81
CA LEU B 6 17.74 17.16 0.88
C LEU B 6 18.19 16.86 -0.53
N ILE B 7 17.28 17.01 -1.48
CA ILE B 7 17.67 16.85 -2.88
C ILE B 7 18.39 18.07 -3.40
N ARG B 8 19.59 17.80 -3.90
CA ARG B 8 20.53 18.83 -4.33
C ARG B 8 20.51 19.09 -5.86
N ARG B 9 20.53 18.04 -6.67
CA ARG B 9 20.47 18.19 -8.12
C ARG B 9 19.71 17.01 -8.80
N VAL B 10 19.09 17.34 -9.92
CA VAL B 10 18.46 16.35 -10.80
C VAL B 10 19.03 16.52 -12.19
N SER B 11 19.71 15.47 -12.63
CA SER B 11 20.40 15.45 -13.89
C SER B 11 19.64 14.54 -14.79
N ILE B 12 19.72 14.78 -16.09
CA ILE B 12 18.97 14.01 -17.10
C ILE B 12 19.84 13.81 -18.34
N GLU B 13 20.03 12.56 -18.76
CA GLU B 13 20.73 12.32 -20.00
C GLU B 13 20.11 11.17 -20.80
N ALA B 14 20.47 11.12 -22.08
CA ALA B 14 19.99 10.14 -23.02
C ALA B 14 20.37 8.75 -22.57
N LEU B 15 19.51 7.80 -22.87
CA LEU B 15 19.78 6.40 -22.63
C LEU B 15 19.26 5.73 -23.89
N ASP B 16 20.11 5.71 -24.93
CA ASP B 16 19.77 5.12 -26.22
C ASP B 16 20.31 3.70 -26.27
N ILE B 17 19.40 2.72 -26.27
CA ILE B 17 19.86 1.35 -26.18
C ILE B 17 19.33 0.53 -27.31
N PRO B 18 20.25 0.04 -28.16
CA PRO B 18 19.92 -0.73 -29.36
C PRO B 18 19.10 -1.97 -29.04
N LEU B 19 18.17 -2.30 -29.92
CA LEU B 19 17.33 -3.48 -29.72
C LEU B 19 17.81 -4.63 -30.58
N HIS B 20 17.88 -5.82 -30.00
CA HIS B 20 18.03 -7.06 -30.83
C HIS B 20 17.04 -8.17 -30.42
N GLU B 21 16.76 -9.09 -31.33
CA GLU B 21 15.96 -10.29 -31.00
C GLU B 21 16.76 -11.25 -30.08
N PRO B 22 16.13 -11.77 -29.02
CA PRO B 22 16.86 -12.65 -28.08
C PRO B 22 17.43 -13.88 -28.74
N PHE B 23 18.53 -14.40 -28.16
CA PHE B 23 19.01 -15.74 -28.50
C PHE B 23 19.53 -15.89 -29.93
N GLY B 24 20.28 -14.90 -30.41
CA GLY B 24 21.00 -15.03 -31.68
C GLY B 24 20.32 -14.55 -32.96
N ILE B 25 19.00 -14.82 -33.09
CA ILE B 25 18.21 -14.66 -34.36
C ILE B 25 18.33 -13.32 -35.08
N ALA B 26 18.06 -13.35 -36.39
CA ALA B 26 18.28 -12.21 -37.30
C ALA B 26 17.38 -10.99 -37.00
N GLY B 27 18.02 -9.90 -36.55
CA GLY B 27 17.32 -8.68 -36.04
C GLY B 27 16.53 -7.84 -37.05
N GLY B 28 17.18 -7.44 -38.15
CA GLY B 28 16.51 -6.68 -39.22
C GLY B 28 16.93 -5.22 -39.33
N ALA B 29 15.94 -4.34 -39.48
CA ALA B 29 16.18 -2.90 -39.38
C ALA B 29 16.35 -2.61 -37.87
N GLN B 30 17.32 -1.77 -37.55
N GLN B 30 17.40 -1.85 -37.55
CA GLN B 30 17.87 -1.67 -36.17
CA GLN B 30 17.79 -1.66 -36.17
C GLN B 30 17.27 -0.57 -35.26
C GLN B 30 16.98 -0.54 -35.52
N GLU B 31 16.25 -0.93 -34.49
CA GLU B 31 15.55 0.00 -33.61
C GLU B 31 16.38 0.28 -32.35
N ARG B 32 16.09 1.40 -31.68
CA ARG B 32 16.72 1.72 -30.40
C ARG B 32 15.68 2.15 -29.38
N ALA B 33 15.86 1.72 -28.14
CA ALA B 33 15.01 2.19 -27.06
C ALA B 33 15.51 3.59 -26.71
N ALA B 34 14.66 4.60 -26.94
CA ALA B 34 15.04 5.99 -26.75
C ALA B 34 14.58 6.46 -25.37
N ASN B 35 15.37 6.15 -24.35
CA ASN B 35 15.03 6.39 -22.93
C ASN B 35 15.95 7.47 -22.31
N LEU B 36 15.85 7.65 -20.99
CA LEU B 36 16.58 8.68 -20.28
C LEU B 36 17.04 8.13 -18.94
N LEU B 37 18.20 8.60 -18.50
CA LEU B 37 18.70 8.26 -17.21
C LEU B 37 18.57 9.52 -16.41
N VAL B 38 17.85 9.43 -15.29
CA VAL B 38 17.71 10.50 -14.33
C VAL B 38 18.56 10.17 -13.10
N THR B 39 19.42 11.10 -12.70
CA THR B 39 20.27 10.95 -11.51
C THR B 39 19.87 11.96 -10.45
N VAL B 40 19.46 11.51 -9.26
CA VAL B 40 19.15 12.44 -8.17
C VAL B 40 20.33 12.44 -7.19
N GLU B 41 20.79 13.63 -6.80
CA GLU B 41 21.89 13.73 -5.86
C GLU B 41 21.48 14.38 -4.54
N LEU B 42 21.72 13.69 -3.42
CA LEU B 42 21.36 14.21 -2.10
C LEU B 42 22.50 15.11 -1.59
N ALA B 43 22.27 15.88 -0.54
CA ALA B 43 23.23 16.85 -0.09
C ALA B 43 24.45 16.13 0.49
N ASP B 44 24.25 14.90 0.96
CA ASP B 44 25.39 14.11 1.51
C ASP B 44 26.16 13.38 0.43
N GLY B 45 25.78 13.63 -0.82
CA GLY B 45 26.45 12.99 -1.96
C GLY B 45 25.86 11.66 -2.45
N THR B 46 24.85 11.12 -1.77
CA THR B 46 24.18 9.95 -2.28
C THR B 46 23.61 10.22 -3.69
N LEU B 47 23.79 9.25 -4.60
CA LEU B 47 23.16 9.30 -5.92
C LEU B 47 22.12 8.23 -6.16
N GLY B 48 20.92 8.62 -6.57
CA GLY B 48 19.90 7.69 -6.90
C GLY B 48 19.68 7.70 -8.38
N PHE B 49 19.17 6.59 -8.90
CA PHE B 49 19.07 6.40 -10.36
C PHE B 49 17.68 5.95 -10.80
N GLY B 50 17.14 6.58 -11.86
CA GLY B 50 15.83 6.20 -12.44
C GLY B 50 15.86 6.29 -13.97
N GLU B 51 14.89 5.62 -14.59
CA GLU B 51 14.83 5.51 -16.02
C GLU B 51 13.45 6.03 -16.53
N ALA B 52 13.47 6.91 -17.53
CA ALA B 52 12.24 7.28 -18.19
C ALA B 52 12.29 6.49 -19.47
N ALA B 53 11.29 5.63 -19.68
CA ALA B 53 11.17 4.84 -20.90
C ALA B 53 9.87 5.21 -21.58
N PRO B 54 9.77 6.40 -22.17
CA PRO B 54 8.49 6.71 -22.76
C PRO B 54 8.24 5.87 -24.02
N LEU B 55 6.98 5.50 -24.27
CA LEU B 55 6.60 4.73 -25.46
C LEU B 55 5.44 5.40 -26.25
N PRO B 56 5.74 6.04 -27.38
CA PRO B 56 4.70 6.71 -28.16
C PRO B 56 3.42 5.88 -28.46
N ALA B 57 3.58 4.64 -28.93
CA ALA B 57 2.43 3.79 -29.30
C ALA B 57 1.51 3.39 -28.11
N PHE B 58 2.05 3.39 -26.88
CA PHE B 58 1.23 3.17 -25.70
C PHE B 58 0.40 4.38 -25.23
N ASN B 59 1.02 5.57 -25.14
CA ASN B 59 0.32 6.73 -24.61
C ASN B 59 0.84 8.06 -25.10
N GLY B 60 1.57 8.04 -26.23
CA GLY B 60 2.00 9.30 -26.89
C GLY B 60 3.18 10.02 -26.24
N GLU B 61 3.69 9.52 -25.10
CA GLU B 61 4.87 10.14 -24.49
C GLU B 61 6.13 9.84 -25.29
N THR B 62 7.05 10.80 -25.34
CA THR B 62 8.27 10.70 -26.16
C THR B 62 9.53 11.06 -25.35
N GLN B 63 10.69 10.67 -25.91
CA GLN B 63 11.98 10.97 -25.31
C GLN B 63 12.19 12.47 -25.05
N ASP B 64 12.12 13.32 -26.09
CA ASP B 64 12.30 14.77 -25.90
C ASP B 64 11.20 15.37 -24.96
N GLY B 65 9.97 14.94 -25.14
CA GLY B 65 8.89 15.35 -24.25
C GLY B 65 9.16 14.97 -22.79
N SER B 66 9.62 13.74 -22.51
CA SER B 66 9.96 13.37 -21.13
C SER B 66 11.11 14.20 -20.57
N ARG B 67 12.10 14.46 -21.40
CA ARG B 67 13.20 15.32 -20.99
C ARG B 67 12.71 16.71 -20.60
N ALA B 68 11.86 17.30 -21.44
CA ALA B 68 11.34 18.64 -21.19
C ALA B 68 10.48 18.61 -19.91
N ALA B 69 9.72 17.54 -19.76
CA ALA B 69 8.97 17.27 -18.52
C ALA B 69 9.88 17.31 -17.29
N ALA B 70 10.91 16.48 -17.28
CA ALA B 70 11.79 16.39 -16.10
C ALA B 70 12.54 17.70 -15.88
N VAL B 71 13.08 18.33 -16.92
CA VAL B 71 13.63 19.68 -16.76
C VAL B 71 12.64 20.60 -16.02
N SER B 72 11.34 20.49 -16.30
CA SER B 72 10.33 21.35 -15.64
C SER B 72 10.05 21.03 -14.18
N LEU B 73 9.99 19.73 -13.89
CA LEU B 73 9.67 19.17 -12.60
C LEU B 73 10.83 19.38 -11.65
N ARG B 74 11.98 19.62 -12.26
CA ARG B 74 13.27 19.66 -11.56
C ARG B 74 13.24 20.62 -10.38
N GLU B 75 12.77 21.83 -10.68
N GLU B 75 12.80 21.86 -10.57
CA GLU B 75 12.57 22.89 -9.70
CA GLU B 75 12.80 22.76 -9.42
C GLU B 75 11.75 22.43 -8.49
C GLU B 75 11.55 22.70 -8.51
N ALA B 76 10.64 21.75 -8.76
CA ALA B 76 9.69 21.28 -7.70
C ALA B 76 10.28 20.15 -6.85
N VAL B 77 11.48 19.68 -7.20
CA VAL B 77 12.07 18.57 -6.50
C VAL B 77 13.32 19.01 -5.75
N VAL B 78 14.08 19.90 -6.38
CA VAL B 78 15.28 20.40 -5.81
C VAL B 78 14.91 21.22 -4.57
N GLY B 79 15.59 20.93 -3.47
CA GLY B 79 15.32 21.56 -2.18
C GLY B 79 14.29 20.83 -1.32
N SER B 80 13.66 19.78 -1.85
CA SER B 80 12.79 18.93 -1.04
C SER B 80 13.60 17.83 -0.40
N ASP B 81 13.09 17.33 0.71
CA ASP B 81 13.66 16.20 1.45
C ASP B 81 13.29 14.88 0.76
N ALA B 82 14.28 14.03 0.51
CA ALA B 82 14.03 12.71 -0.03
C ALA B 82 13.26 11.82 0.94
N ARG B 83 13.31 12.11 2.24
CA ARG B 83 12.63 11.26 3.20
C ARG B 83 11.13 11.47 3.02
N ALA B 84 10.76 12.63 2.45
CA ALA B 84 9.37 12.98 2.19
C ALA B 84 8.89 12.43 0.83
N TRP B 85 9.30 11.21 0.50
CA TRP B 85 9.10 10.66 -0.86
C TRP B 85 7.66 10.77 -1.39
N ARG B 86 6.66 10.47 -0.57
CA ARG B 86 5.28 10.50 -1.01
C ARG B 86 4.81 11.93 -1.28
N ALA B 87 5.28 12.90 -0.48
CA ALA B 87 4.98 14.31 -0.73
C ALA B 87 5.57 14.79 -2.04
N VAL B 88 6.77 14.32 -2.39
CA VAL B 88 7.45 14.76 -3.59
C VAL B 88 6.66 14.20 -4.77
N ALA B 89 6.15 12.96 -4.64
CA ALA B 89 5.46 12.30 -5.71
C ALA B 89 4.14 13.04 -5.96
N ARG B 90 3.49 13.47 -4.89
CA ARG B 90 2.33 14.34 -4.96
C ARG B 90 2.63 15.65 -5.65
N ALA B 91 3.72 16.30 -5.21
CA ALA B 91 4.15 17.57 -5.78
C ALA B 91 4.51 17.37 -7.27
N LEU B 92 5.11 16.25 -7.64
CA LEU B 92 5.32 15.94 -9.04
C LEU B 92 4.02 15.80 -9.83
N ARG B 93 3.04 15.10 -9.27
N ARG B 93 3.04 15.12 -9.24
CA ARG B 93 1.75 14.92 -9.92
CA ARG B 93 1.74 14.87 -9.82
C ARG B 93 1.12 16.30 -10.14
C ARG B 93 1.01 16.21 -10.08
N GLU B 94 0.95 17.08 -9.07
CA GLU B 94 0.32 18.43 -9.21
C GLU B 94 1.09 19.25 -10.27
N ALA B 95 2.41 19.14 -10.26
CA ALA B 95 3.24 20.01 -11.12
C ALA B 95 3.24 19.58 -12.58
N SER B 96 2.73 18.41 -12.87
CA SER B 96 2.63 17.98 -14.25
C SER B 96 1.19 17.90 -14.75
N GLY B 97 0.21 18.35 -13.97
CA GLY B 97 -1.20 18.26 -14.38
C GLY B 97 -1.65 16.80 -14.42
N GLY B 98 -0.96 15.97 -13.64
CA GLY B 98 -1.14 14.52 -13.73
C GLY B 98 -0.44 13.86 -14.92
N GLY B 99 0.14 14.64 -15.82
CA GLY B 99 0.80 14.04 -16.99
C GLY B 99 2.18 13.48 -16.79
N ALA B 100 2.82 13.18 -17.90
CA ALA B 100 4.26 12.93 -17.93
C ALA B 100 4.65 11.83 -16.97
N GLY B 101 3.96 10.71 -17.06
CA GLY B 101 4.16 9.59 -16.14
C GLY B 101 5.56 9.00 -16.16
N ALA B 102 6.13 8.85 -17.35
CA ALA B 102 7.48 8.32 -17.44
C ALA B 102 8.57 9.24 -16.83
N ALA B 103 8.48 10.56 -17.00
CA ALA B 103 9.45 11.42 -16.31
C ALA B 103 9.28 11.33 -14.78
N ARG B 104 8.04 11.27 -14.30
CA ARG B 104 7.80 11.23 -12.85
C ARG B 104 8.25 9.89 -12.33
N CYS B 105 8.01 8.82 -13.08
CA CYS B 105 8.49 7.51 -12.63
C CYS B 105 10.02 7.54 -12.44
N ALA B 106 10.74 8.20 -13.36
CA ALA B 106 12.20 8.18 -13.35
C ALA B 106 12.64 8.90 -12.13
N ILE B 107 11.93 9.99 -11.80
CA ILE B 107 12.32 10.80 -10.65
C ILE B 107 12.03 10.06 -9.37
N GLU B 108 10.90 9.36 -9.28
CA GLU B 108 10.52 8.79 -7.98
C GLU B 108 11.45 7.63 -7.68
N THR B 109 11.85 6.94 -8.75
CA THR B 109 12.64 5.73 -8.65
C THR B 109 14.03 6.17 -8.15
N ALA B 110 14.53 7.25 -8.75
CA ALA B 110 15.83 7.80 -8.40
C ALA B 110 15.83 8.22 -6.93
N ILE B 111 14.73 8.84 -6.51
CA ILE B 111 14.59 9.23 -5.12
C ILE B 111 14.57 8.04 -4.15
N LEU B 112 13.74 7.05 -4.42
CA LEU B 112 13.68 5.90 -3.55
C LEU B 112 14.98 5.09 -3.57
N ASP B 113 15.58 4.92 -4.75
CA ASP B 113 16.94 4.36 -4.87
C ASP B 113 17.92 5.12 -3.97
N ALA B 114 17.92 6.45 -4.02
CA ALA B 114 18.87 7.17 -3.16
C ALA B 114 18.50 6.93 -1.71
N LEU B 115 17.22 7.07 -1.39
CA LEU B 115 16.79 7.00 0.00
C LEU B 115 17.15 5.66 0.60
N THR B 116 16.80 4.56 -0.09
CA THR B 116 17.08 3.21 0.46
C THR B 116 18.58 2.78 0.44
N LYS B 117 19.32 3.17 -0.59
CA LYS B 117 20.74 2.77 -0.68
C LYS B 117 21.60 3.42 0.40
N ARG B 118 21.32 4.69 0.73
CA ARG B 118 22.09 5.31 1.82
C ARG B 118 21.72 4.67 3.19
N ALA B 119 20.54 4.03 3.23
CA ALA B 119 20.05 3.38 4.44
C ALA B 119 20.61 1.96 4.53
N GLY B 120 21.37 1.53 3.52
CA GLY B 120 21.82 0.14 3.45
C GLY B 120 20.68 -0.84 3.24
N MET B 121 19.63 -0.41 2.55
CA MET B 121 18.35 -1.18 2.42
C MET B 121 18.06 -1.52 0.95
N PRO B 122 17.74 -2.79 0.66
CA PRO B 122 17.36 -3.18 -0.71
C PRO B 122 15.97 -2.67 -1.05
N LEU B 123 15.74 -2.18 -2.26
CA LEU B 123 14.41 -1.69 -2.59
C LEU B 123 13.36 -2.83 -2.51
N TRP B 124 13.80 -4.07 -2.71
CA TRP B 124 12.83 -5.17 -2.50
C TRP B 124 12.34 -5.31 -1.09
N ALA B 125 13.16 -4.92 -0.10
CA ALA B 125 12.83 -5.01 1.33
C ALA B 125 11.95 -3.83 1.72
N PHE B 126 12.29 -2.65 1.20
CA PHE B 126 11.48 -1.46 1.35
C PHE B 126 10.06 -1.78 0.93
N PHE B 127 9.87 -2.45 -0.21
CA PHE B 127 8.49 -2.82 -0.66
C PHE B 127 7.87 -4.00 0.08
N GLY B 128 8.63 -4.64 0.94
CA GLY B 128 8.08 -5.71 1.71
C GLY B 128 8.88 -7.00 1.71
N GLY B 129 9.79 -7.21 0.75
CA GLY B 129 10.51 -8.45 0.61
C GLY B 129 9.73 -9.75 0.84
N SER B 130 8.57 -9.89 0.24
CA SER B 130 7.83 -11.15 0.25
C SER B 130 8.62 -12.25 -0.40
N GLY B 131 9.52 -11.92 -1.31
CA GLY B 131 10.33 -12.93 -1.93
C GLY B 131 11.38 -12.18 -2.67
N THR B 132 12.32 -12.91 -3.26
CA THR B 132 13.37 -12.34 -4.10
C THR B 132 13.41 -13.02 -5.46
N ALA B 133 12.41 -13.83 -5.76
CA ALA B 133 12.39 -14.66 -6.98
C ALA B 133 11.10 -14.44 -7.78
N LEU B 134 11.27 -14.23 -9.07
CA LEU B 134 10.14 -14.11 -9.97
C LEU B 134 10.40 -15.07 -11.15
N THR B 135 9.33 -15.41 -11.86
CA THR B 135 9.44 -16.18 -13.04
C THR B 135 8.77 -15.34 -14.12
N THR B 136 9.54 -14.88 -15.13
CA THR B 136 8.97 -14.00 -16.17
C THR B 136 8.56 -14.79 -17.40
N ASP B 137 7.54 -14.28 -18.11
CA ASP B 137 7.22 -14.66 -19.45
C ASP B 137 8.21 -14.03 -20.43
N ILE B 138 8.17 -14.46 -21.69
CA ILE B 138 8.88 -13.80 -22.78
C ILE B 138 7.96 -13.55 -24.00
N THR B 139 8.22 -12.46 -24.70
CA THR B 139 7.36 -11.99 -25.72
C THR B 139 7.70 -12.66 -27.02
N ILE B 140 6.67 -13.15 -27.70
CA ILE B 140 6.85 -13.53 -29.06
C ILE B 140 6.38 -12.40 -29.97
N THR B 141 7.40 -11.76 -30.49
CA THR B 141 7.29 -10.72 -31.50
C THR B 141 6.41 -11.13 -32.67
N THR B 142 5.43 -10.27 -32.93
CA THR B 142 4.54 -10.30 -34.12
C THR B 142 5.32 -10.50 -35.47
N GLY B 143 4.65 -11.09 -36.46
CA GLY B 143 5.30 -11.49 -37.73
C GLY B 143 4.82 -12.79 -38.34
N SER B 144 5.73 -13.52 -38.98
CA SER B 144 5.37 -14.76 -39.71
C SER B 144 4.85 -15.89 -38.80
N PRO B 145 4.01 -16.79 -39.35
CA PRO B 145 3.82 -18.05 -38.66
C PRO B 145 5.14 -18.80 -38.49
N GLU B 146 6.03 -18.75 -39.47
CA GLU B 146 7.29 -19.48 -39.40
C GLU B 146 8.35 -18.87 -38.48
N ARG B 147 8.38 -17.55 -38.39
CA ARG B 147 9.23 -16.85 -37.43
C ARG B 147 8.75 -17.01 -35.99
N ALA B 148 7.44 -17.04 -35.77
CA ALA B 148 6.88 -17.26 -34.43
C ALA B 148 7.18 -18.69 -33.94
N GLU B 149 7.10 -19.65 -34.86
CA GLU B 149 7.51 -21.03 -34.58
C GLU B 149 8.92 -21.05 -34.02
N GLU B 150 9.85 -20.43 -34.77
CA GLU B 150 11.27 -20.44 -34.43
C GLU B 150 11.57 -19.74 -33.12
N ALA B 151 10.83 -18.68 -32.83
CA ALA B 151 11.01 -17.97 -31.58
C ALA B 151 10.38 -18.75 -30.45
N ALA B 152 9.26 -19.42 -30.68
CA ALA B 152 8.69 -20.25 -29.62
C ALA B 152 9.70 -21.38 -29.29
N ARG B 153 10.28 -21.96 -30.34
N ARG B 153 10.32 -21.95 -30.32
CA ARG B 153 11.31 -23.02 -30.21
CA ARG B 153 11.27 -23.05 -30.12
C ARG B 153 12.50 -22.57 -29.36
C ARG B 153 12.59 -22.64 -29.43
N ARG B 154 13.13 -21.46 -29.74
CA ARG B 154 14.28 -20.95 -29.01
C ARG B 154 13.88 -20.69 -27.55
N ALA B 155 12.79 -19.96 -27.33
CA ALA B 155 12.38 -19.66 -25.97
C ALA B 155 12.26 -20.93 -25.07
N ALA B 156 11.64 -21.97 -25.59
CA ALA B 156 11.41 -23.20 -24.89
C ALA B 156 12.75 -23.80 -24.56
N ALA B 157 13.66 -23.73 -25.52
CA ALA B 157 15.03 -24.20 -25.35
C ALA B 157 15.79 -23.55 -24.18
N MET B 158 15.49 -22.27 -23.85
CA MET B 158 16.18 -21.55 -22.77
C MET B 158 15.43 -21.63 -21.40
N GLY B 159 14.34 -22.41 -21.36
CA GLY B 159 13.59 -22.64 -20.13
C GLY B 159 12.23 -21.95 -20.06
N PHE B 160 11.90 -21.08 -21.05
CA PHE B 160 10.68 -20.28 -20.93
C PHE B 160 9.43 -21.14 -21.08
N ARG B 161 8.57 -21.16 -20.07
CA ARG B 161 7.36 -22.02 -20.13
C ARG B 161 6.13 -21.10 -20.34
N ALA B 162 6.31 -19.80 -20.27
CA ALA B 162 5.17 -18.90 -20.42
C ALA B 162 5.45 -17.89 -21.54
N LEU B 163 4.56 -17.81 -22.51
CA LEU B 163 4.80 -17.09 -23.72
C LEU B 163 3.72 -16.05 -23.93
N LYS B 164 4.14 -14.80 -24.10
CA LYS B 164 3.24 -13.73 -24.42
C LYS B 164 3.34 -13.41 -25.88
N VAL B 165 2.20 -13.63 -26.55
CA VAL B 165 2.04 -13.60 -27.98
C VAL B 165 1.19 -12.42 -28.33
N LYS B 166 1.71 -11.50 -29.13
CA LYS B 166 0.96 -10.31 -29.49
C LYS B 166 0.00 -10.75 -30.55
N VAL B 167 -1.21 -10.22 -30.54
CA VAL B 167 -2.20 -10.65 -31.51
C VAL B 167 -2.92 -9.43 -32.04
N GLY B 168 -3.74 -9.64 -33.06
CA GLY B 168 -4.51 -8.57 -33.70
C GLY B 168 -3.76 -7.43 -34.34
N GLY B 169 -4.53 -6.42 -34.72
CA GLY B 169 -4.04 -5.20 -35.40
C GLY B 169 -3.46 -5.48 -36.78
N ARG B 170 -2.21 -5.04 -36.94
CA ARG B 170 -1.36 -5.32 -38.11
C ARG B 170 -1.00 -6.81 -38.13
N LEU B 171 -1.30 -7.48 -39.25
CA LEU B 171 -0.96 -8.91 -39.44
C LEU B 171 -1.93 -9.90 -38.75
N ALA B 172 -3.11 -9.41 -38.35
CA ALA B 172 -4.07 -10.21 -37.57
C ALA B 172 -4.62 -11.48 -38.24
N ALA B 173 -4.76 -11.45 -39.55
CA ALA B 173 -5.22 -12.63 -40.30
C ALA B 173 -4.34 -13.85 -40.04
N SER B 174 -3.08 -13.61 -39.68
CA SER B 174 -2.12 -14.68 -39.42
C SER B 174 -2.21 -15.29 -38.01
N ASP B 175 -2.91 -14.59 -37.11
CA ASP B 175 -2.98 -15.02 -35.72
C ASP B 175 -3.17 -16.52 -35.49
N PRO B 176 -4.25 -17.11 -36.06
CA PRO B 176 -4.56 -18.52 -35.94
C PRO B 176 -3.39 -19.41 -36.34
N ALA B 177 -2.79 -19.13 -37.51
CA ALA B 177 -1.56 -19.82 -37.94
C ALA B 177 -0.41 -19.63 -36.93
N ARG B 178 -0.22 -18.41 -36.46
CA ARG B 178 0.82 -18.16 -35.46
C ARG B 178 0.65 -19.00 -34.18
N ILE B 179 -0.54 -18.92 -33.57
CA ILE B 179 -0.83 -19.66 -32.37
C ILE B 179 -0.67 -21.18 -32.63
N GLU B 180 -1.04 -21.64 -33.82
CA GLU B 180 -0.80 -23.03 -34.28
C GLU B 180 0.66 -23.46 -34.19
N ALA B 181 1.54 -22.61 -34.73
CA ALA B 181 2.94 -22.93 -34.91
C ALA B 181 3.63 -22.81 -33.54
N ILE B 182 3.28 -21.78 -32.78
CA ILE B 182 3.85 -21.58 -31.48
C ILE B 182 3.47 -22.79 -30.61
N HIS B 183 2.16 -23.09 -30.52
CA HIS B 183 1.71 -24.25 -29.74
C HIS B 183 2.37 -25.59 -30.13
N ALA B 184 2.60 -25.81 -31.43
CA ALA B 184 3.16 -27.08 -31.91
C ALA B 184 4.68 -27.14 -31.62
N ALA B 185 5.29 -25.97 -31.54
CA ALA B 185 6.70 -25.81 -31.23
C ALA B 185 6.94 -25.94 -29.75
N ALA B 186 6.10 -25.35 -28.91
CA ALA B 186 6.31 -25.33 -27.46
C ALA B 186 5.02 -25.76 -26.79
N PRO B 187 4.64 -27.04 -26.96
CA PRO B 187 3.39 -27.58 -26.45
C PRO B 187 3.31 -27.59 -24.92
N GLY B 188 4.44 -27.63 -24.23
CA GLY B 188 4.40 -27.52 -22.79
C GLY B 188 4.17 -26.09 -22.33
N ALA B 189 4.08 -25.14 -23.27
CA ALA B 189 4.12 -23.73 -22.88
C ALA B 189 2.78 -23.07 -22.67
N SER B 190 2.75 -22.14 -21.75
CA SER B 190 1.62 -21.36 -21.35
C SER B 190 1.52 -20.14 -22.30
N LEU B 191 0.32 -19.72 -22.68
CA LEU B 191 0.16 -18.59 -23.62
C LEU B 191 -0.55 -17.40 -23.00
N ILE B 192 0.04 -16.22 -23.13
CA ILE B 192 -0.64 -14.98 -22.84
C ILE B 192 -0.98 -14.33 -24.19
N LEU B 193 -2.26 -14.14 -24.48
CA LEU B 193 -2.64 -13.51 -25.76
C LEU B 193 -2.87 -12.04 -25.59
N ASP B 194 -1.97 -11.21 -26.13
CA ASP B 194 -2.00 -9.76 -25.82
C ASP B 194 -2.49 -8.99 -27.00
N GLY B 195 -3.69 -8.47 -26.86
CA GLY B 195 -4.34 -7.75 -27.96
C GLY B 195 -3.99 -6.28 -28.08
N ASN B 196 -3.36 -5.71 -27.05
CA ASN B 196 -3.04 -4.29 -27.04
C ASN B 196 -4.16 -3.38 -27.60
N GLY B 197 -5.41 -3.73 -27.26
CA GLY B 197 -6.62 -3.04 -27.69
C GLY B 197 -6.97 -3.20 -29.15
N GLY B 198 -6.42 -4.21 -29.81
CA GLY B 198 -6.56 -4.37 -31.26
C GLY B 198 -7.70 -5.24 -31.79
N LEU B 199 -8.54 -5.73 -30.90
CA LEU B 199 -9.55 -6.74 -31.25
C LEU B 199 -10.96 -6.24 -31.00
N THR B 200 -11.94 -6.80 -31.72
CA THR B 200 -13.32 -6.76 -31.30
C THR B 200 -13.48 -7.85 -30.27
N ALA B 201 -14.54 -7.75 -29.47
CA ALA B 201 -14.84 -8.76 -28.46
C ALA B 201 -14.98 -10.09 -29.13
N GLY B 202 -15.75 -10.13 -30.22
CA GLY B 202 -16.01 -11.38 -30.97
C GLY B 202 -14.69 -11.99 -31.48
N GLU B 203 -13.77 -11.12 -31.87
CA GLU B 203 -12.54 -11.57 -32.51
C GLU B 203 -11.64 -12.27 -31.46
N ALA B 204 -11.64 -11.75 -30.25
CA ALA B 204 -10.86 -12.26 -29.16
C ALA B 204 -11.41 -13.59 -28.63
N LEU B 205 -12.71 -13.71 -28.50
CA LEU B 205 -13.37 -14.98 -28.20
C LEU B 205 -13.02 -16.09 -29.20
N ALA B 206 -13.08 -15.79 -30.48
CA ALA B 206 -12.76 -16.76 -31.50
C ALA B 206 -11.30 -17.18 -31.42
N LEU B 207 -10.43 -16.24 -31.10
CA LEU B 207 -9.03 -16.54 -30.95
C LEU B 207 -8.77 -17.44 -29.73
N VAL B 208 -9.27 -17.07 -28.54
CA VAL B 208 -9.16 -17.99 -27.38
C VAL B 208 -9.73 -19.41 -27.67
N ALA B 209 -10.93 -19.45 -28.24
CA ALA B 209 -11.59 -20.71 -28.58
C ALA B 209 -10.77 -21.63 -29.53
N HIS B 210 -10.12 -21.02 -30.53
CA HIS B 210 -9.30 -21.72 -31.45
C HIS B 210 -8.05 -22.21 -30.71
N ALA B 211 -7.48 -21.35 -29.88
CA ALA B 211 -6.30 -21.77 -29.14
C ALA B 211 -6.52 -23.06 -28.30
N ARG B 212 -7.57 -23.06 -27.48
CA ARG B 212 -7.95 -24.17 -26.61
C ARG B 212 -8.37 -25.44 -27.36
N ARG B 213 -9.04 -25.31 -28.52
CA ARG B 213 -9.41 -26.48 -29.33
C ARG B 213 -8.16 -27.18 -29.88
N LEU B 214 -7.09 -26.42 -30.07
CA LEU B 214 -5.77 -26.98 -30.41
C LEU B 214 -5.11 -27.73 -29.28
N GLY B 215 -5.41 -27.35 -28.03
CA GLY B 215 -4.76 -27.95 -26.83
C GLY B 215 -4.02 -26.94 -25.94
N ALA B 216 -3.75 -25.76 -26.49
CA ALA B 216 -2.98 -24.75 -25.81
C ALA B 216 -3.60 -24.29 -24.51
N ASP B 217 -2.75 -24.21 -23.49
CA ASP B 217 -3.12 -23.66 -22.23
C ASP B 217 -3.08 -22.14 -22.39
N VAL B 218 -4.24 -21.50 -22.58
CA VAL B 218 -4.26 -20.03 -22.63
C VAL B 218 -4.37 -19.52 -21.21
N ALA B 219 -3.29 -18.99 -20.69
CA ALA B 219 -3.29 -18.58 -19.31
C ALA B 219 -4.00 -17.23 -19.15
N LEU B 220 -3.93 -16.39 -20.17
CA LEU B 220 -4.42 -15.03 -19.95
C LEU B 220 -4.67 -14.29 -21.26
N LEU B 221 -5.73 -13.48 -21.25
CA LEU B 221 -6.10 -12.65 -22.39
C LEU B 221 -5.92 -11.21 -21.96
N GLU B 222 -5.01 -10.51 -22.61
CA GLU B 222 -4.65 -9.15 -22.15
C GLU B 222 -5.26 -8.04 -23.00
N GLN B 223 -6.01 -7.14 -22.36
CA GLN B 223 -6.61 -5.95 -22.95
C GLN B 223 -6.96 -6.22 -24.42
N PRO B 224 -7.88 -7.18 -24.65
CA PRO B 224 -8.24 -7.59 -25.99
C PRO B 224 -8.83 -6.44 -26.83
N VAL B 225 -9.65 -5.62 -26.19
CA VAL B 225 -10.36 -4.53 -26.84
C VAL B 225 -9.87 -3.19 -26.28
N PRO B 226 -10.21 -2.06 -26.93
CA PRO B 226 -9.72 -0.77 -26.37
C PRO B 226 -10.40 -0.37 -25.05
N ARG B 227 -9.76 0.51 -24.27
CA ARG B 227 -10.29 0.91 -22.99
C ARG B 227 -11.72 1.40 -23.07
N ASP B 228 -12.03 2.21 -24.07
CA ASP B 228 -13.41 2.76 -24.20
C ASP B 228 -14.49 1.72 -24.53
N ASP B 229 -14.06 0.50 -24.82
CA ASP B 229 -15.00 -0.60 -25.07
C ASP B 229 -15.27 -1.35 -23.75
N TRP B 230 -15.76 -0.61 -22.74
CA TRP B 230 -16.15 -1.22 -21.48
C TRP B 230 -17.02 -2.42 -21.73
N ASP B 231 -17.97 -2.29 -22.66
CA ASP B 231 -18.84 -3.41 -23.00
C ASP B 231 -18.07 -4.61 -23.52
N GLY B 232 -17.08 -4.38 -24.37
CA GLY B 232 -16.31 -5.46 -24.90
C GLY B 232 -15.49 -6.12 -23.79
N MET B 233 -14.97 -5.32 -22.87
CA MET B 233 -14.18 -5.88 -21.79
C MET B 233 -15.03 -6.78 -20.85
N LYS B 234 -16.23 -6.31 -20.53
CA LYS B 234 -17.17 -7.08 -19.72
C LYS B 234 -17.65 -8.37 -20.43
N GLU B 235 -17.88 -8.26 -21.72
CA GLU B 235 -18.29 -9.40 -22.52
C GLU B 235 -17.21 -10.47 -22.50
N VAL B 236 -16.00 -10.06 -22.89
CA VAL B 236 -14.93 -11.02 -23.02
C VAL B 236 -14.60 -11.70 -21.67
N THR B 237 -14.48 -10.92 -20.59
CA THR B 237 -14.32 -11.42 -19.22
C THR B 237 -15.41 -12.43 -18.84
N ARG B 238 -16.64 -12.15 -19.21
CA ARG B 238 -17.79 -12.97 -18.80
C ARG B 238 -17.73 -14.32 -19.52
N ARG B 239 -17.26 -14.26 -20.77
CA ARG B 239 -17.37 -15.39 -21.66
C ARG B 239 -16.09 -16.17 -21.88
N ALA B 240 -14.96 -15.51 -21.81
CA ALA B 240 -13.69 -16.11 -22.29
C ALA B 240 -13.40 -17.47 -21.68
N GLY B 241 -13.69 -17.58 -20.38
CA GLY B 241 -13.34 -18.78 -19.58
C GLY B 241 -11.86 -18.83 -19.26
N VAL B 242 -11.18 -17.71 -19.52
CA VAL B 242 -9.84 -17.50 -19.03
C VAL B 242 -9.77 -16.11 -18.41
N ASP B 243 -8.74 -15.89 -17.60
CA ASP B 243 -8.42 -14.58 -17.03
C ASP B 243 -8.21 -13.55 -18.08
N VAL B 244 -8.71 -12.35 -17.80
CA VAL B 244 -8.58 -11.23 -18.68
C VAL B 244 -7.92 -10.08 -17.90
N ALA B 245 -6.93 -9.43 -18.50
CA ALA B 245 -6.14 -8.39 -17.84
C ALA B 245 -6.45 -7.00 -18.38
N ALA B 246 -6.64 -6.08 -17.46
CA ALA B 246 -6.70 -4.66 -17.83
C ALA B 246 -5.32 -4.03 -17.81
N ASP B 247 -4.97 -3.40 -18.92
CA ASP B 247 -3.77 -2.56 -19.01
C ASP B 247 -4.24 -1.11 -19.17
N GLU B 248 -4.56 -0.71 -20.40
CA GLU B 248 -5.17 0.58 -20.68
C GLU B 248 -6.44 0.82 -19.85
N SER B 249 -7.24 -0.21 -19.65
CA SER B 249 -8.44 -0.04 -18.82
C SER B 249 -8.12 0.15 -17.33
N ALA B 250 -6.85 -0.01 -16.93
CA ALA B 250 -6.40 0.18 -15.53
C ALA B 250 -5.33 1.27 -15.43
N ALA B 251 -5.75 2.50 -15.71
CA ALA B 251 -4.81 3.63 -15.72
C ALA B 251 -4.71 4.29 -14.36
N SER B 252 -5.62 3.99 -13.45
CA SER B 252 -5.62 4.63 -12.16
C SER B 252 -6.29 3.73 -11.18
N ALA B 253 -6.20 4.06 -9.91
CA ALA B 253 -6.81 3.25 -8.88
C ALA B 253 -8.31 3.35 -8.98
N GLU B 254 -8.80 4.42 -9.55
CA GLU B 254 -10.21 4.61 -9.73
C GLU B 254 -10.72 3.71 -10.87
N ASP B 255 -9.87 3.47 -11.87
CA ASP B 255 -10.17 2.50 -12.90
C ASP B 255 -10.35 1.07 -12.33
N VAL B 256 -9.47 0.67 -11.40
CA VAL B 256 -9.54 -0.70 -10.87
C VAL B 256 -10.75 -0.93 -10.01
N LEU B 257 -11.26 0.11 -9.35
CA LEU B 257 -12.54 -0.05 -8.68
C LEU B 257 -13.68 -0.28 -9.67
N ARG B 258 -13.68 0.49 -10.74
CA ARG B 258 -14.63 0.30 -11.79
C ARG B 258 -14.45 -1.07 -12.46
N VAL B 259 -13.20 -1.42 -12.81
CA VAL B 259 -12.88 -2.71 -13.45
C VAL B 259 -13.42 -3.80 -12.55
N ALA B 260 -13.18 -3.67 -11.24
CA ALA B 260 -13.73 -4.67 -10.27
C ALA B 260 -15.24 -4.69 -10.25
N ALA B 261 -15.85 -3.52 -10.13
CA ALA B 261 -17.29 -3.50 -9.87
C ALA B 261 -18.10 -3.93 -11.08
N GLU B 262 -17.58 -3.64 -12.28
CA GLU B 262 -18.24 -4.00 -13.50
C GLU B 262 -17.80 -5.39 -14.04
N ARG B 263 -16.73 -5.95 -13.50
N ARG B 263 -16.72 -5.90 -13.47
CA ARG B 263 -16.20 -7.22 -14.03
CA ARG B 263 -16.11 -7.15 -13.93
C ARG B 263 -15.67 -7.03 -15.45
C ARG B 263 -15.68 -7.03 -15.39
N ALA B 264 -14.99 -5.92 -15.68
CA ALA B 264 -14.38 -5.70 -16.96
C ALA B 264 -13.06 -6.49 -17.17
N ALA B 265 -12.49 -7.09 -16.11
CA ALA B 265 -11.27 -7.96 -16.17
C ALA B 265 -11.06 -8.75 -14.87
N THR B 266 -10.08 -9.66 -14.82
CA THR B 266 -9.88 -10.40 -13.58
C THR B 266 -8.46 -10.16 -13.10
N VAL B 267 -7.68 -9.42 -13.89
CA VAL B 267 -6.27 -9.22 -13.63
C VAL B 267 -5.92 -7.75 -13.96
N VAL B 268 -4.96 -7.18 -13.25
CA VAL B 268 -4.50 -5.86 -13.57
C VAL B 268 -3.04 -5.92 -13.90
N ASN B 269 -2.72 -5.41 -15.08
CA ASN B 269 -1.36 -5.16 -15.48
C ASN B 269 -0.90 -3.82 -14.90
N ILE B 270 0.06 -3.86 -14.00
CA ILE B 270 0.57 -2.69 -13.33
C ILE B 270 1.96 -2.39 -13.90
N LYS B 271 2.16 -1.13 -14.29
CA LYS B 271 3.46 -0.59 -14.76
C LYS B 271 3.84 0.71 -14.07
N LEU B 272 5.03 0.67 -13.49
CA LEU B 272 5.66 1.80 -12.81
C LEU B 272 5.76 3.01 -13.71
N MET B 273 6.17 2.80 -14.96
CA MET B 273 6.37 3.90 -15.94
C MET B 273 5.12 4.71 -16.26
N LYS B 274 3.95 4.15 -15.97
CA LYS B 274 2.65 4.73 -16.39
C LYS B 274 2.28 5.96 -15.58
N GLY B 275 2.55 5.89 -14.28
CA GLY B 275 2.16 6.97 -13.39
C GLY B 275 3.03 7.04 -12.16
N GLY B 276 4.12 6.26 -12.11
CA GLY B 276 5.05 6.31 -10.97
C GLY B 276 4.72 5.27 -9.92
N ILE B 277 5.62 5.20 -8.94
CA ILE B 277 5.60 4.24 -7.84
C ILE B 277 4.46 4.48 -6.86
N ALA B 278 4.23 5.73 -6.45
CA ALA B 278 3.07 6.00 -5.58
C ALA B 278 1.71 5.51 -6.13
N GLU B 279 1.42 5.80 -7.38
CA GLU B 279 0.17 5.40 -8.02
C GLU B 279 0.21 3.89 -8.09
N ALA B 280 1.28 3.32 -8.59
CA ALA B 280 1.34 1.84 -8.74
C ALA B 280 1.14 1.09 -7.43
N LEU B 281 1.72 1.58 -6.33
CA LEU B 281 1.47 1.00 -4.98
C LEU B 281 0.00 1.01 -4.64
N ASP B 282 -0.70 2.13 -4.94
CA ASP B 282 -2.16 2.17 -4.70
C ASP B 282 -2.90 1.25 -5.64
N ILE B 283 -2.53 1.20 -6.91
CA ILE B 283 -3.30 0.30 -7.80
C ILE B 283 -3.18 -1.16 -7.28
N ALA B 284 -2.02 -1.54 -6.79
CA ALA B 284 -1.82 -2.91 -6.32
C ALA B 284 -2.66 -3.26 -5.07
N ALA B 285 -2.72 -2.37 -4.08
CA ALA B 285 -3.59 -2.62 -2.93
C ALA B 285 -5.08 -2.66 -3.33
N VAL B 286 -5.54 -1.74 -4.17
CA VAL B 286 -6.92 -1.78 -4.57
C VAL B 286 -7.23 -3.07 -5.32
N ALA B 287 -6.33 -3.51 -6.17
CA ALA B 287 -6.55 -4.69 -6.97
C ALA B 287 -6.65 -5.96 -6.11
N ARG B 288 -5.72 -6.10 -5.17
N ARG B 288 -5.72 -6.14 -5.17
CA ARG B 288 -5.69 -7.21 -4.19
CA ARG B 288 -5.80 -7.28 -4.24
C ARG B 288 -6.93 -7.21 -3.27
C ARG B 288 -7.09 -7.20 -3.42
N ALA B 289 -7.36 -6.03 -2.83
CA ALA B 289 -8.59 -5.88 -2.01
C ALA B 289 -9.84 -6.32 -2.78
N ALA B 290 -9.85 -5.99 -4.08
CA ALA B 290 -11.00 -6.12 -4.97
C ALA B 290 -11.14 -7.46 -5.58
N GLY B 291 -10.16 -8.32 -5.33
CA GLY B 291 -10.23 -9.69 -5.75
C GLY B 291 -9.53 -10.01 -7.04
N LEU B 292 -8.90 -9.01 -7.68
CA LEU B 292 -8.33 -9.21 -9.02
C LEU B 292 -6.90 -9.73 -8.93
N GLY B 293 -6.44 -10.51 -9.90
CA GLY B 293 -5.02 -10.96 -9.96
C GLY B 293 -4.06 -9.80 -10.23
N LEU B 294 -2.81 -9.96 -9.84
CA LEU B 294 -1.84 -8.89 -10.04
C LEU B 294 -0.80 -9.27 -11.05
N MET B 295 -0.55 -8.35 -11.99
CA MET B 295 0.47 -8.57 -13.06
C MET B 295 1.43 -7.38 -13.08
N ILE B 296 2.73 -7.65 -13.20
CA ILE B 296 3.71 -6.61 -13.33
C ILE B 296 4.27 -6.62 -14.76
N GLY B 297 4.37 -5.41 -15.32
CA GLY B 297 4.76 -5.25 -16.71
C GLY B 297 5.72 -4.09 -16.88
N GLY B 298 5.88 -3.61 -18.09
CA GLY B 298 6.61 -2.36 -18.31
C GLY B 298 6.55 -1.94 -19.75
N MET B 299 7.14 -0.80 -20.06
N MET B 299 7.17 -0.83 -20.09
CA MET B 299 7.33 -0.39 -21.46
CA MET B 299 7.31 -0.44 -21.51
C MET B 299 8.64 -1.09 -21.91
C MET B 299 8.52 -1.17 -22.10
N VAL B 300 9.39 -0.46 -22.81
CA VAL B 300 10.63 -1.04 -23.31
C VAL B 300 11.74 -0.49 -22.41
N GLU B 301 12.09 -1.28 -21.39
CA GLU B 301 12.89 -0.82 -20.27
C GLU B 301 14.25 -1.50 -20.18
N SER B 302 15.27 -0.75 -19.80
CA SER B 302 16.53 -1.33 -19.50
C SER B 302 16.50 -2.09 -18.16
N VAL B 303 17.62 -2.71 -17.82
CA VAL B 303 17.81 -3.36 -16.51
C VAL B 303 17.45 -2.48 -15.31
N LEU B 304 17.62 -1.18 -15.43
CA LEU B 304 17.35 -0.33 -14.29
C LEU B 304 15.83 -0.25 -13.94
N ALA B 305 15.03 0.15 -14.90
CA ALA B 305 13.60 0.22 -14.72
C ALA B 305 13.01 -1.16 -14.46
N MET B 306 13.47 -2.20 -15.14
CA MET B 306 12.93 -3.54 -14.82
C MET B 306 13.31 -4.13 -13.47
N THR B 307 14.55 -3.93 -13.01
CA THR B 307 14.94 -4.30 -11.63
C THR B 307 14.04 -3.58 -10.62
N ALA B 308 13.85 -2.28 -10.83
CA ALA B 308 12.92 -1.53 -10.01
C ALA B 308 11.54 -2.26 -10.00
N SER B 309 10.96 -2.51 -11.18
CA SER B 309 9.67 -3.20 -11.19
C SER B 309 9.77 -4.52 -10.50
N ALA B 310 10.85 -5.25 -10.73
CA ALA B 310 11.00 -6.55 -10.05
C ALA B 310 10.97 -6.44 -8.52
N CYS B 311 11.65 -5.40 -7.96
CA CYS B 311 11.72 -5.17 -6.52
C CYS B 311 10.28 -4.94 -5.95
N PHE B 312 9.53 -4.01 -6.55
CA PHE B 312 8.10 -3.76 -6.30
C PHE B 312 7.29 -5.03 -6.28
N ALA B 313 7.30 -5.78 -7.39
CA ALA B 313 6.55 -7.04 -7.47
C ALA B 313 7.00 -8.12 -6.46
N ALA B 314 8.29 -8.34 -6.39
CA ALA B 314 8.77 -9.34 -5.44
C ALA B 314 8.53 -8.91 -4.00
N GLY B 315 8.66 -7.61 -3.76
CA GLY B 315 8.53 -7.10 -2.40
C GLY B 315 7.09 -7.19 -1.94
N LEU B 316 6.18 -6.84 -2.83
CA LEU B 316 4.80 -6.72 -2.43
C LEU B 316 4.22 -8.10 -2.24
N GLY B 317 4.69 -9.01 -3.08
CA GLY B 317 4.22 -10.37 -3.14
C GLY B 317 2.87 -10.49 -3.75
N GLY B 318 2.48 -11.72 -4.07
CA GLY B 318 1.12 -11.96 -4.54
C GLY B 318 0.86 -11.72 -6.02
N PHE B 319 1.93 -11.52 -6.81
CA PHE B 319 1.74 -11.33 -8.26
C PHE B 319 1.63 -12.66 -8.96
N SER B 320 0.58 -12.82 -9.79
CA SER B 320 0.37 -14.07 -10.59
C SER B 320 1.07 -14.07 -11.93
N PHE B 321 1.30 -12.87 -12.51
CA PHE B 321 1.94 -12.81 -13.85
C PHE B 321 3.12 -11.84 -13.79
N VAL B 322 4.25 -12.22 -14.34
CA VAL B 322 5.34 -11.32 -14.39
C VAL B 322 5.72 -11.24 -15.83
N ASP B 323 5.71 -10.03 -16.39
CA ASP B 323 6.05 -9.77 -17.79
C ASP B 323 7.19 -8.72 -17.87
N LEU B 324 8.41 -9.16 -17.55
CA LEU B 324 9.59 -8.28 -17.45
C LEU B 324 10.75 -8.84 -18.24
N ASP B 325 10.56 -8.94 -19.56
CA ASP B 325 11.51 -9.61 -20.46
C ASP B 325 12.39 -8.63 -21.25
N THR B 326 12.12 -7.33 -21.08
CA THR B 326 12.71 -6.37 -22.00
C THR B 326 14.21 -6.36 -22.01
N PRO B 327 14.88 -6.68 -20.87
CA PRO B 327 16.35 -6.70 -21.03
C PRO B 327 16.85 -7.78 -21.97
N LEU B 328 16.02 -8.79 -22.25
CA LEU B 328 16.41 -9.84 -23.18
C LEU B 328 16.43 -9.28 -24.59
N PHE B 329 15.65 -8.22 -24.82
CA PHE B 329 15.60 -7.66 -26.14
C PHE B 329 16.59 -6.56 -26.36
N LEU B 330 17.48 -6.31 -25.40
CA LEU B 330 18.41 -5.20 -25.56
C LEU B 330 19.80 -5.66 -26.05
N ALA B 331 20.44 -4.89 -26.91
CA ALA B 331 21.74 -5.33 -27.44
C ALA B 331 22.91 -5.11 -26.47
N GLU B 332 22.80 -4.04 -25.69
CA GLU B 332 23.84 -3.57 -24.77
C GLU B 332 23.22 -3.37 -23.43
N ASN B 333 24.08 -3.29 -22.41
CA ASN B 333 23.63 -3.07 -21.06
C ASN B 333 24.56 -2.08 -20.36
N PRO B 334 24.19 -0.78 -20.32
CA PRO B 334 25.14 0.21 -19.80
C PRO B 334 25.23 0.21 -18.28
N PHE B 335 24.64 -0.81 -17.65
CA PHE B 335 24.53 -0.85 -16.21
C PHE B 335 25.22 -2.01 -15.53
N ASP B 336 25.76 -1.75 -14.34
CA ASP B 336 26.15 -2.83 -13.41
C ASP B 336 25.00 -3.18 -12.42
N GLY B 337 24.92 -4.45 -12.01
CA GLY B 337 24.03 -4.90 -10.95
C GLY B 337 22.60 -5.07 -11.43
N GLY B 338 21.68 -5.24 -10.48
CA GLY B 338 20.30 -5.58 -10.79
C GLY B 338 20.08 -7.07 -10.61
N PHE B 339 18.92 -7.49 -11.12
CA PHE B 339 18.43 -8.86 -11.09
C PHE B 339 19.47 -9.80 -11.69
N VAL B 340 19.34 -11.07 -11.38
CA VAL B 340 20.11 -12.08 -12.06
C VAL B 340 19.10 -12.96 -12.77
N GLN B 341 19.40 -13.27 -14.03
CA GLN B 341 18.45 -14.02 -14.84
C GLN B 341 18.98 -15.42 -15.19
N ARG B 342 18.15 -16.45 -15.01
CA ARG B 342 18.43 -17.79 -15.51
C ARG B 342 17.25 -18.31 -16.30
N GLY B 343 17.22 -17.98 -17.59
CA GLY B 343 16.01 -18.21 -18.40
C GLY B 343 14.89 -17.37 -17.81
N PRO B 344 13.71 -17.97 -17.58
CA PRO B 344 12.62 -17.16 -17.04
C PRO B 344 12.84 -16.81 -15.56
N ALA B 345 13.86 -17.36 -14.92
CA ALA B 345 14.04 -17.15 -13.46
C ALA B 345 14.80 -15.89 -13.13
N LEU B 346 14.18 -15.04 -12.33
CA LEU B 346 14.77 -13.77 -11.98
C LEU B 346 15.07 -13.76 -10.48
N SER B 347 16.24 -13.32 -10.11
CA SER B 347 16.68 -13.36 -8.72
C SER B 347 17.13 -11.96 -8.27
N LEU B 348 16.63 -11.51 -7.11
CA LEU B 348 17.07 -10.22 -6.52
C LEU B 348 17.91 -10.39 -5.23
N GLU B 349 18.16 -11.64 -4.83
CA GLU B 349 19.00 -12.03 -3.66
C GLU B 349 20.23 -11.16 -3.50
N GLY B 350 20.89 -10.93 -4.62
CA GLY B 350 22.11 -10.15 -4.66
C GLY B 350 21.95 -8.65 -4.51
N ILE B 351 20.72 -8.11 -4.48
CA ILE B 351 20.60 -6.66 -4.39
C ILE B 351 20.59 -6.32 -2.94
N ARG B 352 21.49 -5.44 -2.50
CA ARG B 352 21.64 -5.12 -1.07
C ARG B 352 21.37 -3.66 -0.73
N ALA B 353 21.29 -2.80 -1.72
CA ALA B 353 21.17 -1.36 -1.47
C ALA B 353 20.37 -0.69 -2.60
N GLY B 354 19.26 -0.02 -2.29
CA GLY B 354 18.41 0.53 -3.36
C GLY B 354 18.02 -0.59 -4.33
N HIS B 355 17.91 -0.28 -5.62
CA HIS B 355 17.63 -1.37 -6.58
C HIS B 355 18.89 -1.97 -7.14
N GLY B 356 20.06 -1.53 -6.64
CA GLY B 356 21.31 -2.19 -6.93
C GLY B 356 21.87 -1.96 -8.32
N VAL B 357 21.20 -1.16 -9.14
CA VAL B 357 21.67 -0.87 -10.51
C VAL B 357 22.43 0.46 -10.50
N THR B 358 23.55 0.55 -11.22
CA THR B 358 24.45 1.70 -11.20
C THR B 358 24.99 1.84 -12.59
N PRO B 359 25.23 3.07 -13.07
CA PRO B 359 25.80 3.07 -14.40
C PRO B 359 27.26 2.65 -14.36
N GLN B 360 27.66 1.72 -15.24
CA GLN B 360 29.08 1.35 -15.46
C GLN B 360 30.06 2.54 -15.43
S SO4 C . 5.92 0.84 1.51
O1 SO4 C . 4.47 0.70 1.17
O2 SO4 C . 6.11 1.78 2.68
O3 SO4 C . 6.59 -0.49 1.65
O4 SO4 C . 6.54 1.43 0.33
S SO4 D . -25.13 3.88 -5.49
O1 SO4 D . -25.81 2.86 -4.65
O2 SO4 D . -25.73 5.19 -5.12
O3 SO4 D . -23.67 3.89 -5.26
O4 SO4 D . -25.31 3.60 -6.92
S SO4 E . 12.87 -16.78 -2.36
O1 SO4 E . 12.08 -15.61 -2.81
O2 SO4 E . 14.24 -16.73 -2.89
O3 SO4 E . 12.92 -16.79 -0.88
O4 SO4 E . 12.26 -18.01 -2.87
S SO4 F . 22.64 14.25 -23.00
O1 SO4 F . 21.91 15.25 -22.19
O2 SO4 F . 22.99 14.85 -24.30
O3 SO4 F . 23.87 13.85 -22.33
O4 SO4 F . 21.76 13.11 -23.21
#